data_5CAH
#
_entry.id   5CAH
#
_cell.length_a   80.690
_cell.length_b   80.690
_cell.length_c   226.286
_cell.angle_alpha   90.00
_cell.angle_beta   90.00
_cell.angle_gamma   90.00
#
_symmetry.space_group_name_H-M   'P 43 21 2'
#
loop_
_entity.id
_entity.type
_entity.pdbx_description
1 polymer 'Malate synthase G'
2 non-polymer 'MAGNESIUM ION'
3 non-polymer '6H-thieno[2,3-b]pyrrole-5-carboxylic acid'
4 water water
#
_entity_poly.entity_id   1
_entity_poly.type   'polypeptide(L)'
_entity_poly.pdbx_seq_one_letter_code
;MTDRVSVGNLRIARVLYDFVNNEALPGTDIDPDSFWAGVDKVVADLTPQNQALLNARDELQAQIDKWHRRRVIEPIDMDA
YRQFLTEIGYLLPEPDDFTITTSGVDAEITTTAGPQLVVPVLNARFALNAANARWGSLYDALYGTDVIPETDGAEKGPTY
NKVRGDKVIAYARKFLDDSVPLSSGSFGDATGFTVQDGQLVVALPDKSTGLANPGQFAGYTGAAESPTSVLLINHGLHIE
ILIDPESQVGTTDRAGVKDVILESAITTIMDFEDSVAAVDAADKVLGYRNWLGLNKGDLAAAVDKDGTAFLRVLNRDRNY
TAPGGGQFTLPGRSLMFVRNVGHLMTNDAIVDTDGSEVFEGIMDALFTGLIAIHGLKASDVNGPLINSRTGSIYIVKPKM
HGPAEVAFTCELFSRVEDVLGLPQNTMKIGIMDEERRTTVNLKACIKAAADRVVFINTGFLDRTGDEIHTSMEAGPMVRK
GTMKSQPWILAYEDHNVDAGLAAGFSGRAQVGKGMWTMTELMADMVETKIAQPRAGASTAWVPSPTAATLHALHYHQVDV
AAVQQGLAGKRRATIEQLLTIPLAKELAWAPDEIREEVDNNCQSILGYVVRWVDQGVGASKVPDIHDVALMEDRATLRIS
SQLLANWLRHGVITSADVRASLERMAPLVDRQNAGDVAYRPMAPNFDDSIAFLAAQELILSGAQQPNGYTEPILHRRRRE
FKARAAEKPAPSDRAGDDAAR
;
_entity_poly.pdbx_strand_id   A
#
loop_
_chem_comp.id
_chem_comp.type
_chem_comp.name
_chem_comp.formula
4ZA non-polymer '6H-thieno[2,3-b]pyrrole-5-carboxylic acid' 'C7 H5 N O2 S'
MG non-polymer 'MAGNESIUM ION' 'Mg 2'
#
# COMPACT_ATOMS: atom_id res chain seq x y z
N THR A 2 19.02 -7.73 31.74
CA THR A 2 18.06 -7.19 32.69
C THR A 2 16.72 -7.94 32.63
N ASP A 3 15.92 -7.61 31.61
CA ASP A 3 14.66 -8.29 31.32
C ASP A 3 14.79 -8.86 29.91
N ARG A 4 15.98 -9.40 29.63
CA ARG A 4 16.31 -9.92 28.30
C ARG A 4 16.97 -11.30 28.35
N VAL A 5 16.92 -11.99 27.22
CA VAL A 5 17.52 -13.29 27.08
C VAL A 5 18.80 -13.14 26.26
N SER A 6 19.92 -13.60 26.82
CA SER A 6 21.20 -13.51 26.12
C SER A 6 21.42 -14.70 25.18
N VAL A 7 21.66 -14.37 23.91
CA VAL A 7 22.02 -15.35 22.91
C VAL A 7 23.13 -14.75 22.09
N GLY A 8 24.31 -15.36 22.18
CA GLY A 8 25.50 -14.79 21.59
C GLY A 8 25.66 -13.37 22.09
N ASN A 9 25.87 -12.45 21.14
CA ASN A 9 26.07 -11.04 21.46
C ASN A 9 24.73 -10.30 21.56
N LEU A 10 23.63 -11.05 21.46
CA LEU A 10 22.30 -10.47 21.46
C LEU A 10 21.57 -10.54 22.80
N ARG A 11 20.92 -9.43 23.19
CA ARG A 11 20.04 -9.40 24.34
C ARG A 11 18.60 -9.22 23.89
N ILE A 12 17.93 -10.34 23.62
CA ILE A 12 16.57 -10.38 23.11
C ILE A 12 15.53 -10.04 24.18
N ALA A 13 14.64 -9.09 23.86
CA ALA A 13 13.52 -8.78 24.76
C ALA A 13 12.68 -10.01 25.04
N ARG A 14 12.32 -10.18 26.32
CA ARG A 14 11.65 -11.40 26.77
C ARG A 14 10.34 -11.71 26.06
N VAL A 15 9.46 -10.71 25.89
CA VAL A 15 8.22 -10.92 25.13
C VAL A 15 8.52 -11.47 23.75
N LEU A 16 9.50 -10.90 23.07
CA LEU A 16 9.89 -11.38 21.75
C LEU A 16 10.35 -12.83 21.79
N TYR A 17 11.27 -13.14 22.71
CA TYR A 17 11.88 -14.46 22.78
C TYR A 17 10.83 -15.53 23.06
N ASP A 18 9.96 -15.24 24.03
CA ASP A 18 8.85 -16.13 24.33
C ASP A 18 7.94 -16.35 23.13
N PHE A 19 7.65 -15.25 22.43
CA PHE A 19 6.75 -15.32 21.28
C PHE A 19 7.30 -16.16 20.15
N VAL A 20 8.57 -16.02 19.85
CA VAL A 20 9.14 -16.86 18.79
C VAL A 20 9.08 -18.33 19.15
N ASN A 21 9.56 -18.67 20.35
CA ASN A 21 9.66 -20.07 20.77
C ASN A 21 8.31 -20.70 20.98
N ASN A 22 7.45 -20.04 21.73
CA ASN A 22 6.14 -20.62 22.03
C ASN A 22 5.11 -20.55 20.88
N GLU A 23 5.16 -19.50 20.07
CA GLU A 23 4.12 -19.29 19.06
C GLU A 23 4.60 -19.48 17.61
N ALA A 24 5.62 -18.72 17.23
CA ALA A 24 6.13 -18.75 15.86
C ALA A 24 6.79 -20.06 15.43
N LEU A 25 7.83 -20.47 16.15
CA LEU A 25 8.62 -21.66 15.77
C LEU A 25 7.88 -22.99 15.63
N PRO A 26 7.00 -23.33 16.61
CA PRO A 26 6.34 -24.64 16.50
C PRO A 26 5.57 -24.80 15.20
N GLY A 27 5.81 -25.91 14.51
CA GLY A 27 5.17 -26.19 13.23
C GLY A 27 6.16 -26.03 12.09
N THR A 28 7.23 -25.28 12.34
CA THR A 28 8.16 -24.90 11.29
C THR A 28 9.33 -25.87 11.12
N ASP A 29 9.38 -26.90 11.96
CA ASP A 29 10.45 -27.91 11.94
C ASP A 29 11.84 -27.30 12.17
N ILE A 30 11.90 -26.07 12.68
CA ILE A 30 13.17 -25.40 12.89
C ILE A 30 13.55 -25.44 14.37
N ASP A 31 14.79 -25.80 14.63
CA ASP A 31 15.25 -25.97 15.99
C ASP A 31 15.49 -24.63 16.64
N PRO A 32 14.78 -24.37 17.75
CA PRO A 32 14.78 -23.08 18.44
C PRO A 32 16.17 -22.48 18.66
N ASP A 33 17.06 -23.23 19.29
CA ASP A 33 18.39 -22.71 19.60
C ASP A 33 19.20 -22.45 18.32
N SER A 34 18.97 -23.28 17.32
CA SER A 34 19.64 -23.16 16.03
C SER A 34 19.14 -21.92 15.31
N PHE A 35 17.85 -21.63 15.48
CA PHE A 35 17.27 -20.42 14.95
C PHE A 35 17.88 -19.20 15.60
N TRP A 36 17.90 -19.17 16.92
CA TRP A 36 18.44 -17.99 17.59
C TRP A 36 19.89 -17.75 17.27
N ALA A 37 20.65 -18.83 17.13
CA ALA A 37 22.07 -18.71 16.78
C ALA A 37 22.18 -18.15 15.38
N GLY A 38 21.26 -18.58 14.51
CA GLY A 38 21.14 -18.04 13.16
C GLY A 38 20.91 -16.53 13.18
N VAL A 39 20.06 -16.10 14.09
CA VAL A 39 19.74 -14.68 14.25
C VAL A 39 20.98 -13.90 14.70
N ASP A 40 21.66 -14.46 15.69
CA ASP A 40 22.84 -13.84 16.26
C ASP A 40 23.88 -13.57 15.18
N LYS A 41 24.13 -14.57 14.34
CA LYS A 41 25.12 -14.47 13.28
C LYS A 41 24.68 -13.54 12.13
N VAL A 42 23.45 -13.72 11.62
CA VAL A 42 22.92 -12.82 10.57
C VAL A 42 22.99 -11.35 10.98
N VAL A 43 22.57 -11.06 12.21
CA VAL A 43 22.65 -9.69 12.73
C VAL A 43 24.08 -9.14 12.75
N ALA A 44 25.00 -9.90 13.32
CA ALA A 44 26.39 -9.46 13.42
C ALA A 44 27.02 -9.32 12.04
N ASP A 45 26.70 -10.24 11.14
CA ASP A 45 27.29 -10.27 9.80
C ASP A 45 26.81 -9.14 8.91
N LEU A 46 25.52 -8.81 8.98
CA LEU A 46 24.94 -7.84 8.06
C LEU A 46 24.84 -6.41 8.62
N THR A 47 24.84 -6.27 9.94
CA THR A 47 24.73 -4.95 10.57
C THR A 47 25.69 -3.87 10.06
N PRO A 48 27.01 -4.16 10.02
CA PRO A 48 27.93 -3.14 9.49
C PRO A 48 27.64 -2.74 8.03
N GLN A 49 27.16 -3.68 7.23
CA GLN A 49 26.81 -3.41 5.84
C GLN A 49 25.59 -2.48 5.75
N ASN A 50 24.59 -2.77 6.56
CA ASN A 50 23.44 -1.90 6.78
C ASN A 50 23.86 -0.47 7.16
N GLN A 51 24.76 -0.35 8.12
CA GLN A 51 25.27 0.96 8.52
C GLN A 51 26.03 1.69 7.39
N ALA A 52 26.80 0.94 6.62
CA ALA A 52 27.59 1.54 5.54
C ALA A 52 26.65 2.19 4.51
N LEU A 53 25.56 1.50 4.20
CA LEU A 53 24.57 2.04 3.27
C LEU A 53 23.92 3.32 3.83
N LEU A 54 23.55 3.30 5.10
CA LEU A 54 22.99 4.50 5.73
C LEU A 54 23.95 5.69 5.73
N ASN A 55 25.23 5.43 6.02
CA ASN A 55 26.24 6.48 5.98
C ASN A 55 26.38 7.03 4.57
N ALA A 56 26.46 6.13 3.59
CA ALA A 56 26.53 6.53 2.18
C ALA A 56 25.43 7.50 1.76
N ARG A 57 24.23 7.34 2.32
CA ARG A 57 23.13 8.28 2.05
C ARG A 57 23.53 9.68 2.51
N ASP A 58 24.11 9.74 3.71
CA ASP A 58 24.47 11.04 4.30
C ASP A 58 25.55 11.73 3.50
N GLU A 59 26.53 10.96 3.05
CA GLU A 59 27.62 11.51 2.22
C GLU A 59 27.07 12.16 0.96
N LEU A 60 26.29 11.41 0.21
CA LEU A 60 25.69 11.94 -1.02
C LEU A 60 24.93 13.22 -0.73
N GLN A 61 24.07 13.20 0.28
CA GLN A 61 23.23 14.37 0.58
C GLN A 61 24.06 15.58 1.00
N ALA A 62 25.19 15.34 1.65
CA ALA A 62 26.07 16.42 2.08
C ALA A 62 26.76 17.06 0.89
N GLN A 63 27.19 16.23 -0.06
CA GLN A 63 27.76 16.73 -1.30
C GLN A 63 26.74 17.52 -2.10
N ILE A 64 25.50 17.01 -2.14
CA ILE A 64 24.45 17.68 -2.91
C ILE A 64 24.11 19.02 -2.25
N ASP A 65 24.06 19.04 -0.92
CA ASP A 65 23.85 20.29 -0.17
C ASP A 65 24.87 21.36 -0.55
N LYS A 66 26.17 21.04 -0.48
CA LYS A 66 27.21 22.01 -0.82
C LYS A 66 27.10 22.51 -2.26
N TRP A 67 26.87 21.58 -3.18
CA TRP A 67 26.80 21.89 -4.61
C TRP A 67 25.79 23.00 -4.89
N HIS A 68 24.61 22.87 -4.29
CA HIS A 68 23.58 23.89 -4.43
C HIS A 68 24.00 25.24 -3.85
N ARG A 69 24.57 25.22 -2.64
CA ARG A 69 24.99 26.45 -1.96
C ARG A 69 26.11 27.17 -2.72
N ARG A 70 26.85 26.41 -3.52
CA ARG A 70 27.98 26.98 -4.25
C ARG A 70 27.66 27.28 -5.70
N ARG A 71 26.42 27.65 -5.98
CA ARG A 71 26.00 28.12 -7.30
C ARG A 71 26.02 29.65 -7.34
N ILE A 76 20.11 27.32 -13.66
CA ILE A 76 20.57 26.07 -13.05
C ILE A 76 21.02 25.07 -14.12
N ASP A 77 22.34 24.89 -14.22
CA ASP A 77 22.93 24.10 -15.30
C ASP A 77 22.60 22.62 -15.16
N MET A 78 21.59 22.18 -15.90
CA MET A 78 21.15 20.80 -15.89
C MET A 78 22.22 19.81 -16.34
N ASP A 79 23.03 20.18 -17.33
CA ASP A 79 24.08 19.27 -17.80
C ASP A 79 25.20 19.08 -16.77
N ALA A 80 25.50 20.15 -16.05
CA ALA A 80 26.54 20.06 -15.02
C ALA A 80 26.02 19.32 -13.78
N TYR A 81 24.77 19.64 -13.40
CA TYR A 81 24.09 18.98 -12.29
C TYR A 81 24.08 17.47 -12.46
N ARG A 82 23.77 17.02 -13.67
CA ARG A 82 23.67 15.60 -13.97
C ARG A 82 25.04 14.95 -13.97
N GLN A 83 26.02 15.66 -14.51
CA GLN A 83 27.39 15.15 -14.57
C GLN A 83 27.97 15.04 -13.16
N PHE A 84 27.53 15.92 -12.28
CA PHE A 84 27.95 15.88 -10.88
C PHE A 84 27.40 14.65 -10.17
N LEU A 85 26.13 14.34 -10.38
CA LEU A 85 25.51 13.18 -9.75
C LEU A 85 26.14 11.89 -10.23
N THR A 86 26.66 11.92 -11.46
CA THR A 86 27.38 10.76 -11.97
C THR A 86 28.73 10.64 -11.27
N GLU A 87 29.43 11.76 -11.18
CA GLU A 87 30.75 11.80 -10.56
C GLU A 87 30.72 11.25 -9.13
N ILE A 88 29.75 11.69 -8.33
CA ILE A 88 29.65 11.24 -6.93
C ILE A 88 29.02 9.87 -6.73
N GLY A 89 28.61 9.21 -7.80
CA GLY A 89 28.08 7.85 -7.68
C GLY A 89 26.62 7.79 -7.25
N TYR A 90 25.93 8.91 -7.43
CA TYR A 90 24.50 9.01 -7.17
C TYR A 90 23.78 8.44 -8.37
N LEU A 91 24.09 8.99 -9.54
CA LEU A 91 23.55 8.50 -10.80
C LEU A 91 24.51 7.48 -11.39
N LEU A 92 24.12 6.21 -11.39
CA LEU A 92 24.97 5.14 -11.86
C LEU A 92 24.60 4.74 -13.29
N PRO A 93 25.52 4.10 -14.02
CA PRO A 93 25.27 3.74 -15.43
C PRO A 93 24.13 2.75 -15.58
N GLU A 94 23.31 2.93 -16.61
CA GLU A 94 22.17 2.07 -16.88
C GLU A 94 22.60 0.74 -17.49
N PRO A 95 22.23 -0.38 -16.85
CA PRO A 95 22.65 -1.70 -17.33
C PRO A 95 21.94 -2.07 -18.64
N ASP A 96 22.51 -3.00 -19.38
CA ASP A 96 21.90 -3.42 -20.64
C ASP A 96 20.55 -4.05 -20.33
N ASP A 97 19.71 -4.17 -21.36
CA ASP A 97 18.37 -4.72 -21.18
C ASP A 97 18.42 -6.15 -20.64
N PHE A 98 17.44 -6.51 -19.83
CA PHE A 98 17.36 -7.87 -19.30
C PHE A 98 15.89 -8.23 -19.15
N THR A 99 15.63 -9.40 -18.59
CA THR A 99 14.29 -9.86 -18.31
C THR A 99 14.39 -10.54 -16.97
N ILE A 100 13.47 -10.23 -16.07
CA ILE A 100 13.48 -10.84 -14.75
C ILE A 100 13.27 -12.35 -14.89
N THR A 101 13.74 -13.11 -13.90
CA THR A 101 13.70 -14.57 -13.94
C THR A 101 12.99 -15.19 -12.73
N THR A 102 12.37 -14.35 -11.92
CA THR A 102 11.63 -14.77 -10.72
C THR A 102 10.68 -15.90 -11.02
N SER A 103 10.82 -16.99 -10.29
CA SER A 103 10.04 -18.20 -10.54
C SER A 103 9.27 -18.56 -9.29
N GLY A 104 8.29 -19.46 -9.42
CA GLY A 104 7.45 -19.83 -8.30
C GLY A 104 6.57 -18.67 -7.82
N VAL A 105 6.01 -17.92 -8.75
CA VAL A 105 5.11 -16.82 -8.35
C VAL A 105 3.65 -17.18 -8.61
N ASP A 106 2.78 -16.82 -7.66
CA ASP A 106 1.34 -17.11 -7.79
C ASP A 106 0.69 -16.28 -8.90
N ALA A 107 -0.38 -16.81 -9.49
CA ALA A 107 -1.03 -16.20 -10.65
C ALA A 107 -1.59 -14.81 -10.40
N GLU A 108 -1.98 -14.55 -9.16
CA GLU A 108 -2.56 -13.27 -8.77
C GLU A 108 -1.55 -12.16 -8.97
N ILE A 109 -0.28 -12.52 -9.02
CA ILE A 109 0.79 -11.53 -9.20
C ILE A 109 1.30 -11.49 -10.63
N THR A 110 1.48 -12.66 -11.23
CA THR A 110 2.04 -12.79 -12.57
C THR A 110 1.05 -12.36 -13.62
N THR A 111 -0.22 -12.64 -13.38
CA THR A 111 -1.18 -12.59 -14.48
C THR A 111 -2.35 -11.64 -14.26
N THR A 112 -2.98 -11.76 -13.09
CA THR A 112 -4.22 -11.06 -12.80
C THR A 112 -4.00 -9.59 -12.46
N ALA A 113 -4.62 -8.69 -13.22
CA ALA A 113 -4.58 -7.28 -12.87
C ALA A 113 -5.80 -6.94 -12.01
N GLY A 114 -5.57 -6.24 -10.91
CA GLY A 114 -6.65 -5.86 -10.04
C GLY A 114 -6.16 -5.17 -8.79
N PRO A 115 -7.11 -4.66 -7.99
CA PRO A 115 -6.84 -3.87 -6.78
C PRO A 115 -5.89 -4.57 -5.80
N GLN A 116 -5.30 -3.75 -4.93
CA GLN A 116 -4.41 -4.27 -3.91
C GLN A 116 -4.56 -3.41 -2.67
N LEU A 117 -5.06 -4.06 -1.63
CA LEU A 117 -5.45 -3.43 -0.40
C LEU A 117 -4.17 -3.27 0.44
N VAL A 118 -4.16 -2.34 1.38
CA VAL A 118 -3.04 -2.19 2.28
C VAL A 118 -3.62 -1.86 3.64
N VAL A 119 -3.18 -2.57 4.67
CA VAL A 119 -3.83 -2.48 5.97
C VAL A 119 -2.79 -2.65 7.10
N PRO A 120 -2.92 -1.84 8.15
CA PRO A 120 -2.02 -1.87 9.31
C PRO A 120 -2.08 -3.22 10.02
N VAL A 121 -0.98 -3.98 10.00
CA VAL A 121 -0.93 -5.33 10.53
C VAL A 121 -1.35 -5.35 12.00
N LEU A 122 -1.14 -4.24 12.70
CA LEU A 122 -1.48 -4.10 14.11
C LEU A 122 -2.99 -4.03 14.39
N ASN A 123 -3.79 -4.29 13.37
CA ASN A 123 -5.25 -4.17 13.48
C ASN A 123 -5.92 -5.45 12.98
N ALA A 124 -6.11 -6.41 13.89
CA ALA A 124 -6.56 -7.76 13.54
C ALA A 124 -7.88 -7.77 12.78
N ARG A 125 -8.79 -6.87 13.15
CA ARG A 125 -10.09 -6.83 12.51
C ARG A 125 -9.98 -6.29 11.09
N PHE A 126 -9.30 -5.17 10.92
CA PHE A 126 -9.09 -4.65 9.57
C PHE A 126 -8.37 -5.68 8.69
N ALA A 127 -7.38 -6.35 9.26
CA ALA A 127 -6.58 -7.34 8.53
C ALA A 127 -7.43 -8.51 8.12
N LEU A 128 -8.36 -8.88 8.98
CA LEU A 128 -9.32 -9.94 8.66
C LEU A 128 -10.17 -9.54 7.47
N ASN A 129 -10.78 -8.35 7.55
CA ASN A 129 -11.62 -7.87 6.46
C ASN A 129 -10.85 -7.87 5.14
N ALA A 130 -9.63 -7.36 5.18
CA ALA A 130 -8.75 -7.38 4.00
C ALA A 130 -8.56 -8.74 3.37
N ALA A 131 -8.24 -9.76 4.16
CA ALA A 131 -7.98 -11.08 3.57
C ALA A 131 -9.25 -11.65 2.95
N ASN A 132 -10.39 -11.23 3.49
CA ASN A 132 -11.70 -11.64 3.02
C ASN A 132 -12.24 -10.74 1.90
N ALA A 133 -11.51 -9.68 1.56
CA ALA A 133 -11.97 -8.73 0.55
C ALA A 133 -11.65 -9.16 -0.88
N ARG A 134 -11.15 -10.38 -1.04
CA ARG A 134 -10.96 -11.01 -2.34
C ARG A 134 -12.28 -11.00 -3.11
N TRP A 135 -13.38 -11.09 -2.37
CA TRP A 135 -14.73 -11.07 -2.94
C TRP A 135 -15.56 -10.10 -2.11
N GLY A 136 -16.32 -9.25 -2.79
CA GLY A 136 -17.12 -8.24 -2.13
C GLY A 136 -18.34 -7.87 -2.96
N SER A 137 -19.37 -7.40 -2.28
CA SER A 137 -20.66 -7.13 -2.92
C SER A 137 -20.68 -5.78 -3.61
N LEU A 138 -20.98 -5.77 -4.90
CA LEU A 138 -21.11 -4.53 -5.65
C LEU A 138 -22.29 -3.69 -5.16
N TYR A 139 -23.40 -4.36 -4.83
CA TYR A 139 -24.60 -3.67 -4.32
C TYR A 139 -24.34 -2.92 -3.04
N ASP A 140 -23.72 -3.60 -2.08
CA ASP A 140 -23.37 -2.98 -0.82
C ASP A 140 -22.47 -1.78 -1.06
N ALA A 141 -21.45 -1.95 -1.88
CA ALA A 141 -20.55 -0.84 -2.24
C ALA A 141 -21.24 0.35 -2.90
N LEU A 142 -22.10 0.08 -3.89
CA LEU A 142 -22.84 1.14 -4.58
C LEU A 142 -23.84 1.83 -3.67
N TYR A 143 -24.57 1.04 -2.89
CA TYR A 143 -25.61 1.57 -2.00
C TYR A 143 -24.99 2.33 -0.83
N GLY A 144 -23.86 1.85 -0.34
CA GLY A 144 -23.24 2.42 0.83
C GLY A 144 -22.44 3.69 0.62
N THR A 145 -22.08 3.98 -0.63
CA THR A 145 -21.23 5.14 -0.93
C THR A 145 -21.87 6.14 -1.88
N ASP A 146 -21.17 7.25 -2.11
CA ASP A 146 -21.69 8.35 -2.90
C ASP A 146 -21.65 8.09 -4.42
N VAL A 147 -21.39 6.85 -4.82
CA VAL A 147 -21.38 6.50 -6.23
C VAL A 147 -22.77 6.64 -6.83
N ILE A 148 -23.78 6.15 -6.11
CA ILE A 148 -25.16 6.45 -6.40
C ILE A 148 -25.50 7.71 -5.63
N PRO A 149 -25.78 8.80 -6.34
CA PRO A 149 -26.07 10.08 -5.70
C PRO A 149 -27.29 9.98 -4.80
N GLU A 150 -27.25 10.63 -3.63
CA GLU A 150 -28.38 10.64 -2.70
C GLU A 150 -29.60 11.31 -3.33
N THR A 151 -29.38 12.51 -3.86
CA THR A 151 -30.32 13.22 -4.73
C THR A 151 -31.84 12.97 -4.46
N ASP A 152 -32.56 12.56 -5.51
CA ASP A 152 -34.03 12.52 -5.49
C ASP A 152 -34.66 11.22 -5.00
N GLY A 153 -34.93 11.15 -3.70
CA GLY A 153 -35.57 10.00 -3.11
C GLY A 153 -34.63 8.82 -2.92
N ALA A 154 -33.40 8.97 -3.39
CA ALA A 154 -32.41 7.89 -3.33
C ALA A 154 -31.45 8.02 -2.15
N GLU A 155 -31.81 8.84 -1.17
CA GLU A 155 -30.93 9.04 -0.02
C GLU A 155 -30.90 7.83 0.92
N LYS A 156 -29.81 7.67 1.64
CA LYS A 156 -29.71 6.59 2.62
C LYS A 156 -30.45 6.98 3.90
N GLY A 157 -31.04 6.00 4.55
CA GLY A 157 -31.71 6.24 5.81
C GLY A 157 -31.47 5.06 6.73
N PRO A 158 -32.05 5.10 7.95
CA PRO A 158 -32.00 3.94 8.84
C PRO A 158 -32.76 2.76 8.22
N THR A 159 -33.66 3.06 7.29
CA THR A 159 -34.40 2.05 6.55
C THR A 159 -33.79 1.85 5.17
N TYR A 160 -33.91 0.63 4.62
CA TYR A 160 -33.60 0.40 3.23
C TYR A 160 -34.54 1.25 2.37
N ASN A 161 -33.95 2.02 1.46
CA ASN A 161 -34.72 2.79 0.49
C ASN A 161 -34.74 2.13 -0.90
N LYS A 162 -35.93 1.72 -1.31
CA LYS A 162 -36.11 0.99 -2.55
C LYS A 162 -35.78 1.82 -3.79
N VAL A 163 -36.01 3.13 -3.74
CA VAL A 163 -35.68 4.00 -4.88
C VAL A 163 -34.17 3.88 -5.17
N ARG A 164 -33.39 3.79 -4.09
CA ARG A 164 -31.93 3.70 -4.16
C ARG A 164 -31.46 2.33 -4.65
N GLY A 165 -32.07 1.27 -4.15
CA GLY A 165 -31.69 -0.07 -4.54
C GLY A 165 -31.86 -0.29 -6.03
N ASP A 166 -32.86 0.37 -6.60
CA ASP A 166 -33.16 0.24 -8.02
C ASP A 166 -32.09 0.89 -8.88
N LYS A 167 -31.56 2.02 -8.40
CA LYS A 167 -30.42 2.64 -9.04
C LYS A 167 -29.18 1.73 -8.95
N VAL A 168 -28.96 1.16 -7.77
CA VAL A 168 -27.90 0.17 -7.58
C VAL A 168 -28.04 -0.98 -8.60
N ILE A 169 -29.22 -1.58 -8.66
CA ILE A 169 -29.51 -2.65 -9.63
C ILE A 169 -29.18 -2.22 -11.05
N ALA A 170 -29.69 -1.05 -11.43
CA ALA A 170 -29.48 -0.51 -12.78
C ALA A 170 -28.00 -0.32 -13.09
N TYR A 171 -27.27 0.24 -12.13
CA TYR A 171 -25.84 0.47 -12.31
C TYR A 171 -25.17 -0.88 -12.58
N ALA A 172 -25.49 -1.86 -11.76
CA ALA A 172 -24.95 -3.22 -11.90
C ALA A 172 -25.34 -3.89 -13.23
N ARG A 173 -26.61 -3.75 -13.63
CA ARG A 173 -27.03 -4.27 -14.92
C ARG A 173 -26.20 -3.62 -16.03
N LYS A 174 -26.01 -2.31 -15.94
CA LYS A 174 -25.19 -1.63 -16.94
C LYS A 174 -23.75 -2.15 -16.95
N PHE A 175 -23.20 -2.41 -15.77
CA PHE A 175 -21.84 -2.95 -15.67
C PHE A 175 -21.75 -4.31 -16.35
N LEU A 176 -22.75 -5.17 -16.13
CA LEU A 176 -22.81 -6.47 -16.79
C LEU A 176 -22.87 -6.31 -18.31
N ASP A 177 -23.62 -5.33 -18.79
CA ASP A 177 -23.62 -5.05 -20.24
C ASP A 177 -22.22 -4.70 -20.75
N ASP A 178 -21.50 -3.87 -20.02
CA ASP A 178 -20.17 -3.44 -20.48
C ASP A 178 -19.10 -4.52 -20.32
N SER A 179 -19.31 -5.46 -19.39
CA SER A 179 -18.26 -6.41 -19.06
C SER A 179 -18.38 -7.77 -19.77
N VAL A 180 -19.58 -8.33 -19.77
CA VAL A 180 -19.86 -9.62 -20.39
C VAL A 180 -21.07 -9.50 -21.31
N PRO A 181 -20.91 -8.80 -22.45
CA PRO A 181 -22.03 -8.44 -23.32
C PRO A 181 -22.76 -9.64 -23.91
N LEU A 182 -24.09 -9.60 -23.86
CA LEU A 182 -24.94 -10.60 -24.52
C LEU A 182 -24.87 -10.41 -26.03
N SER A 183 -25.01 -11.51 -26.78
CA SER A 183 -24.95 -11.44 -28.23
C SER A 183 -26.06 -10.55 -28.78
N SER A 184 -27.19 -10.52 -28.09
CA SER A 184 -28.24 -9.54 -28.40
C SER A 184 -29.02 -9.14 -27.15
N GLY A 185 -29.45 -7.89 -27.11
CA GLY A 185 -30.20 -7.38 -25.97
C GLY A 185 -29.35 -7.07 -24.73
N SER A 186 -30.00 -6.51 -23.72
CA SER A 186 -29.34 -6.07 -22.50
C SER A 186 -29.63 -6.97 -21.30
N PHE A 187 -28.72 -6.93 -20.33
CA PHE A 187 -28.90 -7.61 -19.04
C PHE A 187 -30.06 -6.99 -18.27
N GLY A 188 -30.26 -5.69 -18.46
CA GLY A 188 -31.31 -4.97 -17.78
C GLY A 188 -32.72 -5.50 -18.08
N ASP A 189 -32.86 -6.23 -19.18
CA ASP A 189 -34.16 -6.79 -19.58
C ASP A 189 -34.27 -8.27 -19.30
N ALA A 190 -33.17 -8.87 -18.84
CA ALA A 190 -33.14 -10.30 -18.57
C ALA A 190 -34.22 -10.72 -17.57
N THR A 191 -34.74 -11.93 -17.74
CA THR A 191 -35.79 -12.45 -16.87
C THR A 191 -35.39 -13.75 -16.20
N GLY A 192 -34.37 -14.41 -16.74
CA GLY A 192 -33.84 -15.62 -16.15
C GLY A 192 -32.51 -16.07 -16.75
N PHE A 193 -31.84 -17.01 -16.09
CA PHE A 193 -30.57 -17.54 -16.56
C PHE A 193 -30.59 -19.06 -16.55
N THR A 194 -30.22 -19.68 -17.67
CA THR A 194 -30.12 -21.15 -17.72
C THR A 194 -28.81 -21.61 -18.35
N VAL A 195 -28.45 -22.86 -18.08
CA VAL A 195 -27.26 -23.47 -18.68
C VAL A 195 -27.61 -24.72 -19.51
N GLN A 196 -27.86 -24.50 -20.80
CA GLN A 196 -28.20 -25.58 -21.73
C GLN A 196 -27.00 -25.98 -22.58
N ASP A 197 -26.58 -27.24 -22.45
CA ASP A 197 -25.49 -27.81 -23.24
C ASP A 197 -24.15 -27.10 -23.05
N GLY A 198 -23.93 -26.58 -21.83
CA GLY A 198 -22.65 -26.00 -21.49
C GLY A 198 -22.56 -24.51 -21.78
N GLN A 199 -23.56 -23.99 -22.44
CA GLN A 199 -23.58 -22.58 -22.81
C GLN A 199 -24.63 -21.84 -21.99
N LEU A 200 -24.25 -20.69 -21.42
CA LEU A 200 -25.16 -19.94 -20.58
C LEU A 200 -26.20 -19.23 -21.41
N VAL A 201 -27.45 -19.64 -21.26
CA VAL A 201 -28.53 -18.96 -21.97
C VAL A 201 -29.20 -17.94 -21.06
N VAL A 202 -29.53 -16.78 -21.62
CA VAL A 202 -30.18 -15.73 -20.86
C VAL A 202 -31.60 -15.51 -21.35
N ALA A 203 -32.54 -15.40 -20.41
CA ALA A 203 -33.95 -15.26 -20.75
C ALA A 203 -34.36 -13.81 -21.01
N LEU A 204 -34.61 -13.47 -22.26
CA LEU A 204 -35.13 -12.15 -22.63
C LEU A 204 -36.66 -12.22 -22.74
N PRO A 205 -37.34 -11.06 -22.76
CA PRO A 205 -38.80 -11.12 -22.79
C PRO A 205 -39.35 -11.75 -24.07
N ASP A 206 -38.76 -11.39 -25.20
CA ASP A 206 -39.26 -11.81 -26.50
C ASP A 206 -38.40 -12.89 -27.17
N LYS A 207 -37.21 -13.11 -26.62
CA LYS A 207 -36.29 -14.09 -27.21
C LYS A 207 -35.32 -14.65 -26.18
N SER A 208 -34.22 -15.22 -26.65
CA SER A 208 -33.17 -15.73 -25.77
C SER A 208 -31.82 -15.67 -26.46
N THR A 209 -30.78 -15.29 -25.71
CA THR A 209 -29.44 -15.12 -26.27
C THR A 209 -28.37 -15.73 -25.36
N GLY A 210 -27.13 -15.61 -25.80
CA GLY A 210 -25.99 -16.03 -25.00
C GLY A 210 -24.98 -14.90 -25.01
N LEU A 211 -23.84 -15.12 -24.36
CA LEU A 211 -22.75 -14.16 -24.38
C LEU A 211 -22.19 -14.07 -25.79
N ALA A 212 -22.03 -12.85 -26.30
CA ALA A 212 -21.43 -12.62 -27.61
C ALA A 212 -20.12 -13.40 -27.78
N ASN A 213 -19.41 -13.52 -26.66
CA ASN A 213 -18.31 -14.45 -26.52
C ASN A 213 -18.61 -15.37 -25.35
N PRO A 214 -19.02 -16.62 -25.65
CA PRO A 214 -19.40 -17.61 -24.63
C PRO A 214 -18.21 -18.06 -23.79
N GLY A 215 -17.02 -17.61 -24.15
CA GLY A 215 -15.82 -17.94 -23.38
C GLY A 215 -15.88 -17.34 -21.99
N GLN A 216 -16.58 -16.21 -21.86
CA GLN A 216 -16.70 -15.50 -20.59
C GLN A 216 -17.53 -16.24 -19.54
N PHE A 217 -18.26 -17.26 -19.98
CA PHE A 217 -19.01 -18.14 -19.10
C PHE A 217 -18.02 -19.04 -18.36
N ALA A 218 -18.00 -18.95 -17.04
CA ALA A 218 -16.97 -19.62 -16.25
C ALA A 218 -17.51 -20.72 -15.36
N GLY A 219 -18.83 -20.77 -15.20
CA GLY A 219 -19.45 -21.77 -14.36
C GLY A 219 -20.71 -21.30 -13.67
N TYR A 220 -21.15 -22.06 -12.66
CA TYR A 220 -22.38 -21.74 -11.92
C TYR A 220 -22.50 -22.52 -10.62
N THR A 221 -23.59 -22.28 -9.90
CA THR A 221 -23.99 -23.10 -8.73
C THR A 221 -25.46 -23.53 -8.82
N GLY A 222 -25.83 -24.58 -8.06
CA GLY A 222 -27.16 -25.18 -8.17
C GLY A 222 -27.36 -25.90 -9.50
N ALA A 223 -28.61 -26.14 -9.90
CA ALA A 223 -28.86 -26.93 -11.10
C ALA A 223 -28.82 -26.09 -12.38
N ALA A 224 -28.31 -26.69 -13.45
CA ALA A 224 -28.10 -26.00 -14.71
C ALA A 224 -29.36 -25.33 -15.24
N GLU A 225 -30.51 -25.93 -14.92
CA GLU A 225 -31.83 -25.42 -15.34
C GLU A 225 -32.21 -24.17 -14.55
N SER A 226 -32.06 -24.25 -13.24
CA SER A 226 -32.40 -23.16 -12.33
C SER A 226 -31.28 -22.90 -11.32
N PRO A 227 -30.17 -22.27 -11.78
CA PRO A 227 -28.97 -22.04 -10.98
C PRO A 227 -29.14 -21.02 -9.84
N THR A 228 -28.40 -21.24 -8.75
CA THR A 228 -28.42 -20.32 -7.61
C THR A 228 -27.43 -19.15 -7.80
N SER A 229 -26.65 -19.22 -8.87
CA SER A 229 -25.73 -18.15 -9.23
C SER A 229 -25.03 -18.47 -10.54
N VAL A 230 -24.47 -17.44 -11.17
CA VAL A 230 -23.73 -17.60 -12.42
C VAL A 230 -22.36 -16.92 -12.34
N LEU A 231 -21.32 -17.70 -12.63
CA LEU A 231 -19.96 -17.20 -12.55
C LEU A 231 -19.47 -16.72 -13.91
N LEU A 232 -18.96 -15.50 -13.96
CA LEU A 232 -18.42 -14.96 -15.20
C LEU A 232 -16.95 -14.57 -15.04
N ILE A 233 -16.27 -14.41 -16.17
CA ILE A 233 -14.89 -13.97 -16.13
C ILE A 233 -14.62 -12.97 -17.23
N ASN A 234 -13.94 -11.91 -16.85
CA ASN A 234 -13.53 -10.93 -17.82
C ASN A 234 -12.21 -10.36 -17.34
N HIS A 235 -11.26 -10.26 -18.28
CA HIS A 235 -9.92 -9.76 -17.98
C HIS A 235 -9.31 -10.47 -16.79
N GLY A 236 -9.53 -11.77 -16.71
CA GLY A 236 -9.04 -12.58 -15.61
C GLY A 236 -9.75 -12.36 -14.28
N LEU A 237 -10.70 -11.42 -14.23
CA LEU A 237 -11.42 -11.15 -12.99
C LEU A 237 -12.81 -11.79 -12.99
N HIS A 238 -13.22 -12.30 -11.83
CA HIS A 238 -14.50 -13.01 -11.74
C HIS A 238 -15.68 -12.12 -11.36
N ILE A 239 -16.86 -12.47 -11.89
CA ILE A 239 -18.11 -11.76 -11.61
C ILE A 239 -19.19 -12.77 -11.28
N GLU A 240 -19.81 -12.63 -10.11
CA GLU A 240 -20.85 -13.58 -9.71
C GLU A 240 -22.22 -12.93 -9.55
N ILE A 241 -23.17 -13.42 -10.33
CA ILE A 241 -24.56 -13.02 -10.18
C ILE A 241 -25.24 -14.01 -9.25
N LEU A 242 -25.59 -13.55 -8.05
CA LEU A 242 -26.32 -14.40 -7.12
C LEU A 242 -27.83 -14.32 -7.41
N ILE A 243 -28.40 -15.44 -7.84
CA ILE A 243 -29.83 -15.52 -8.18
C ILE A 243 -30.63 -16.11 -7.02
N ASP A 244 -31.49 -15.30 -6.42
CA ASP A 244 -32.35 -15.77 -5.32
C ASP A 244 -33.64 -14.97 -5.29
N PRO A 245 -34.70 -15.51 -5.89
CA PRO A 245 -35.98 -14.81 -6.04
C PRO A 245 -36.72 -14.64 -4.73
N GLU A 246 -36.32 -15.40 -3.71
CA GLU A 246 -36.93 -15.30 -2.38
C GLU A 246 -36.33 -14.19 -1.51
N SER A 247 -35.20 -13.63 -1.93
CA SER A 247 -34.60 -12.53 -1.17
C SER A 247 -35.37 -11.23 -1.38
N GLN A 248 -35.16 -10.31 -0.44
CA GLN A 248 -35.81 -9.00 -0.48
C GLN A 248 -35.58 -8.28 -1.81
N VAL A 249 -34.32 -8.16 -2.19
CA VAL A 249 -33.99 -7.52 -3.46
C VAL A 249 -34.32 -8.44 -4.64
N GLY A 250 -34.08 -9.74 -4.46
CA GLY A 250 -34.33 -10.69 -5.53
C GLY A 250 -35.79 -10.75 -5.94
N THR A 251 -36.67 -10.50 -4.97
CA THR A 251 -38.12 -10.51 -5.17
C THR A 251 -38.60 -9.47 -6.17
N THR A 252 -38.02 -8.28 -6.07
CA THR A 252 -38.45 -7.17 -6.92
C THR A 252 -37.62 -7.08 -8.19
N ASP A 253 -36.66 -7.99 -8.36
CA ASP A 253 -35.77 -7.98 -9.52
C ASP A 253 -36.35 -8.77 -10.70
N ARG A 254 -36.22 -8.24 -11.92
CA ARG A 254 -36.83 -8.87 -13.11
C ARG A 254 -36.28 -10.26 -13.41
N ALA A 255 -35.14 -10.59 -12.81
CA ALA A 255 -34.54 -11.89 -13.05
C ALA A 255 -34.30 -12.65 -11.76
N GLY A 256 -34.72 -12.07 -10.65
CA GLY A 256 -34.56 -12.70 -9.35
C GLY A 256 -33.21 -12.43 -8.71
N VAL A 257 -32.44 -11.50 -9.28
CA VAL A 257 -31.08 -11.22 -8.82
C VAL A 257 -30.99 -10.58 -7.43
N LYS A 258 -30.22 -11.23 -6.56
CA LYS A 258 -30.04 -10.78 -5.19
C LYS A 258 -28.86 -9.80 -5.09
N ASP A 259 -27.83 -10.06 -5.87
CA ASP A 259 -26.58 -9.31 -5.76
C ASP A 259 -25.62 -9.62 -6.90
N VAL A 260 -24.62 -8.75 -7.06
CA VAL A 260 -23.50 -9.01 -7.95
C VAL A 260 -22.20 -8.95 -7.14
N ILE A 261 -21.45 -10.04 -7.16
CA ILE A 261 -20.25 -10.13 -6.33
C ILE A 261 -19.02 -9.96 -7.23
N LEU A 262 -18.09 -9.10 -6.83
CA LEU A 262 -16.85 -8.96 -7.59
C LEU A 262 -15.63 -9.51 -6.84
N GLU A 263 -14.80 -10.23 -7.59
CA GLU A 263 -13.42 -10.47 -7.18
C GLU A 263 -12.76 -9.10 -7.13
N SER A 264 -12.36 -8.69 -5.92
CA SER A 264 -11.89 -7.32 -5.68
C SER A 264 -10.40 -7.26 -5.33
N ALA A 265 -10.08 -7.52 -4.07
CA ALA A 265 -8.68 -7.43 -3.62
C ALA A 265 -7.92 -8.72 -3.87
N ILE A 266 -7.42 -8.86 -5.08
CA ILE A 266 -6.63 -10.00 -5.52
C ILE A 266 -5.42 -10.22 -4.60
N THR A 267 -4.86 -9.12 -4.10
CA THR A 267 -3.75 -9.18 -3.16
C THR A 267 -3.92 -8.12 -2.09
N THR A 268 -3.26 -8.34 -0.96
CA THR A 268 -3.33 -7.43 0.17
C THR A 268 -1.94 -7.34 0.80
N ILE A 269 -1.57 -6.15 1.24
CA ILE A 269 -0.30 -5.99 1.92
C ILE A 269 -0.54 -5.72 3.40
N MET A 270 -0.05 -6.63 4.23
CA MET A 270 -0.11 -6.46 5.69
C MET A 270 1.10 -5.65 6.08
N ASP A 271 0.89 -4.58 6.82
CA ASP A 271 1.91 -3.56 6.88
C ASP A 271 2.58 -3.42 8.24
N PHE A 272 3.89 -3.56 8.26
CA PHE A 272 4.64 -3.29 9.48
C PHE A 272 5.25 -1.90 9.47
N GLU A 273 5.05 -1.17 8.37
CA GLU A 273 5.75 0.10 8.19
C GLU A 273 4.87 1.32 8.43
N ASP A 274 4.63 2.12 7.38
CA ASP A 274 4.07 3.44 7.60
C ASP A 274 2.61 3.51 8.10
N SER A 275 1.85 2.44 8.00
CA SER A 275 0.47 2.50 8.54
C SER A 275 0.33 2.00 9.99
N VAL A 276 1.47 1.78 10.64
CA VAL A 276 1.47 1.17 11.98
C VAL A 276 2.39 1.95 12.91
N ALA A 277 1.95 2.17 14.15
CA ALA A 277 2.83 2.75 15.17
C ALA A 277 3.40 1.67 16.08
N ALA A 278 4.69 1.38 15.93
CA ALA A 278 5.33 0.27 16.63
C ALA A 278 6.76 0.65 17.00
N VAL A 279 6.93 1.09 18.24
CA VAL A 279 8.15 1.75 18.67
C VAL A 279 8.95 0.92 19.68
N ASP A 280 8.45 -0.25 20.03
CA ASP A 280 9.17 -1.14 20.95
C ASP A 280 8.80 -2.61 20.77
N ALA A 281 9.30 -3.43 21.70
CA ALA A 281 9.16 -4.87 21.64
C ALA A 281 7.72 -5.36 21.79
N ALA A 282 6.92 -4.70 22.62
CA ALA A 282 5.54 -5.15 22.77
C ALA A 282 4.77 -4.92 21.45
N ASP A 283 4.98 -3.75 20.87
CA ASP A 283 4.33 -3.40 19.58
C ASP A 283 4.64 -4.38 18.47
N LYS A 284 5.89 -4.81 18.38
CA LYS A 284 6.29 -5.67 17.28
C LYS A 284 5.66 -7.04 17.43
N VAL A 285 5.52 -7.48 18.68
CA VAL A 285 4.94 -8.80 18.95
C VAL A 285 3.47 -8.87 18.56
N LEU A 286 2.69 -7.88 19.00
CA LEU A 286 1.30 -7.69 18.53
C LEU A 286 1.20 -7.83 17.00
N GLY A 287 2.05 -7.11 16.28
CA GLY A 287 2.09 -7.21 14.82
C GLY A 287 2.50 -8.58 14.33
N TYR A 288 3.58 -9.12 14.92
CA TYR A 288 4.04 -10.46 14.56
C TYR A 288 2.95 -11.51 14.83
N ARG A 289 2.26 -11.34 15.96
CA ARG A 289 1.18 -12.25 16.35
C ARG A 289 0.04 -12.25 15.32
N ASN A 290 -0.42 -11.06 14.94
CA ASN A 290 -1.43 -10.96 13.88
C ASN A 290 -0.94 -11.59 12.59
N TRP A 291 0.33 -11.35 12.26
CA TRP A 291 0.88 -11.90 11.03
C TRP A 291 0.88 -13.42 11.12
N LEU A 292 1.15 -13.94 12.32
CA LEU A 292 1.09 -15.39 12.58
C LEU A 292 -0.30 -16.00 12.37
N GLY A 293 -1.30 -15.37 12.98
CA GLY A 293 -2.68 -15.82 12.85
C GLY A 293 -3.21 -15.82 11.43
N LEU A 294 -2.83 -14.81 10.65
CA LEU A 294 -3.20 -14.76 9.24
C LEU A 294 -2.56 -15.90 8.48
N ASN A 295 -1.30 -16.17 8.78
CA ASN A 295 -0.59 -17.25 8.08
C ASN A 295 -1.00 -18.68 8.47
N LYS A 296 -1.37 -18.91 9.73
CA LYS A 296 -1.85 -20.24 10.13
C LYS A 296 -3.31 -20.42 9.74
N GLY A 297 -3.95 -19.29 9.44
CA GLY A 297 -5.31 -19.26 8.93
C GLY A 297 -6.35 -19.46 10.01
N ASP A 298 -6.03 -19.02 11.23
CA ASP A 298 -6.91 -19.26 12.38
C ASP A 298 -7.25 -17.97 13.14
N LEU A 299 -6.80 -16.85 12.61
CA LEU A 299 -7.16 -15.55 13.16
C LEU A 299 -8.67 -15.32 13.12
N ALA A 300 -9.21 -14.76 14.19
CA ALA A 300 -10.65 -14.51 14.30
C ALA A 300 -10.99 -13.45 15.37
N ALA A 301 -12.17 -12.86 15.23
CA ALA A 301 -12.70 -11.87 16.17
C ALA A 301 -14.21 -11.75 16.07
N ARG A 312 -16.30 -14.99 13.56
CA ARG A 312 -15.68 -14.13 12.56
C ARG A 312 -14.34 -14.65 12.05
N VAL A 313 -14.37 -15.54 11.05
CA VAL A 313 -13.14 -16.21 10.62
C VAL A 313 -12.68 -15.85 9.21
N LEU A 314 -11.62 -16.51 8.76
CA LEU A 314 -11.14 -16.34 7.40
C LEU A 314 -11.97 -17.20 6.46
N ASN A 315 -12.30 -16.65 5.31
CA ASN A 315 -13.14 -17.35 4.34
C ASN A 315 -12.42 -18.53 3.71
N ARG A 316 -13.21 -19.48 3.25
CA ARG A 316 -12.72 -20.69 2.65
C ARG A 316 -12.90 -20.54 1.14
N ASP A 317 -12.29 -21.43 0.35
CA ASP A 317 -12.43 -21.37 -1.10
C ASP A 317 -13.88 -21.41 -1.56
N ARG A 318 -14.08 -21.26 -2.86
CA ARG A 318 -15.44 -21.19 -3.39
C ARG A 318 -15.68 -22.33 -4.37
N ASN A 319 -16.85 -22.96 -4.27
CA ASN A 319 -17.19 -24.08 -5.14
C ASN A 319 -18.00 -23.65 -6.35
N TYR A 320 -17.71 -24.28 -7.48
CA TYR A 320 -18.41 -23.96 -8.71
C TYR A 320 -18.55 -25.18 -9.61
N THR A 321 -19.44 -25.08 -10.58
CA THR A 321 -19.62 -26.14 -11.55
C THR A 321 -19.17 -25.67 -12.94
N ALA A 322 -18.27 -26.42 -13.57
CA ALA A 322 -17.79 -26.09 -14.91
C ALA A 322 -18.96 -25.97 -15.87
N PRO A 323 -18.83 -25.11 -16.90
CA PRO A 323 -19.87 -24.95 -17.91
C PRO A 323 -20.33 -26.31 -18.47
N GLY A 324 -19.40 -27.26 -18.57
CA GLY A 324 -19.71 -28.58 -19.08
C GLY A 324 -19.93 -29.65 -18.02
N GLY A 325 -20.51 -29.27 -16.88
CA GLY A 325 -20.86 -30.24 -15.85
C GLY A 325 -19.90 -30.43 -14.68
N GLY A 326 -18.61 -30.54 -14.95
CA GLY A 326 -17.62 -30.88 -13.92
C GLY A 326 -17.51 -29.93 -12.74
N GLN A 327 -16.67 -30.27 -11.78
CA GLN A 327 -16.47 -29.46 -10.57
C GLN A 327 -15.13 -28.73 -10.54
N PHE A 328 -15.14 -27.48 -10.10
CA PHE A 328 -13.90 -26.73 -9.85
C PHE A 328 -14.01 -25.75 -8.67
N THR A 329 -12.92 -25.04 -8.42
CA THR A 329 -12.79 -24.21 -7.23
C THR A 329 -11.92 -22.97 -7.51
N LEU A 330 -12.21 -21.87 -6.81
CA LEU A 330 -11.44 -20.63 -6.88
C LEU A 330 -11.07 -20.23 -5.46
N PRO A 331 -9.92 -19.52 -5.27
CA PRO A 331 -9.47 -19.10 -3.94
C PRO A 331 -10.39 -18.04 -3.39
N GLY A 332 -10.64 -18.06 -2.09
CA GLY A 332 -11.60 -17.15 -1.50
C GLY A 332 -10.95 -16.13 -0.60
N ARG A 333 -9.63 -16.08 -0.64
CA ARG A 333 -8.93 -15.11 0.17
C ARG A 333 -8.00 -14.26 -0.68
N SER A 334 -7.65 -13.11 -0.15
CA SER A 334 -6.72 -12.21 -0.81
C SER A 334 -5.29 -12.66 -0.55
N LEU A 335 -4.57 -13.02 -1.61
CA LEU A 335 -3.16 -13.39 -1.51
C LEU A 335 -2.36 -12.30 -0.77
N MET A 336 -1.61 -12.71 0.24
CA MET A 336 -1.01 -11.74 1.15
C MET A 336 0.45 -11.43 0.89
N PHE A 337 0.78 -10.15 0.93
CA PHE A 337 2.15 -9.69 1.02
C PHE A 337 2.32 -9.25 2.45
N VAL A 338 3.57 -9.12 2.89
CA VAL A 338 3.86 -8.36 4.11
C VAL A 338 4.81 -7.21 3.75
N ARG A 339 4.58 -6.03 4.30
CA ARG A 339 5.55 -4.94 4.13
C ARG A 339 6.42 -4.79 5.39
N ASN A 340 7.69 -5.14 5.28
CA ASN A 340 8.64 -4.91 6.37
C ASN A 340 9.02 -3.44 6.43
N VAL A 341 9.68 -3.03 7.51
CA VAL A 341 10.21 -1.67 7.56
C VAL A 341 11.48 -1.60 6.71
N GLY A 342 11.88 -0.39 6.33
CA GLY A 342 13.06 -0.20 5.48
C GLY A 342 14.37 -0.28 6.24
N HIS A 343 15.42 0.31 5.68
CA HIS A 343 16.77 0.13 6.20
C HIS A 343 17.15 1.04 7.36
N LEU A 344 16.34 2.06 7.63
CA LEU A 344 16.75 3.12 8.55
C LEU A 344 16.73 2.77 10.05
N MET A 345 15.56 2.43 10.57
CA MET A 345 15.36 2.41 12.01
C MET A 345 15.94 1.19 12.70
N THR A 346 16.24 1.37 13.98
CA THR A 346 16.54 0.26 14.88
C THR A 346 15.37 0.11 15.84
N ASN A 347 15.32 -1.00 16.55
CA ASN A 347 14.28 -1.24 17.54
C ASN A 347 14.83 -1.97 18.78
N ASP A 348 14.44 -1.49 19.97
CA ASP A 348 14.95 -2.06 21.22
C ASP A 348 14.45 -3.48 21.51
N ALA A 349 13.83 -4.14 20.54
CA ALA A 349 13.36 -5.50 20.74
C ALA A 349 14.53 -6.48 20.89
N ILE A 350 15.68 -6.07 20.38
CA ILE A 350 16.92 -6.77 20.59
C ILE A 350 17.97 -5.69 20.75
N VAL A 351 18.88 -5.86 21.71
CA VAL A 351 20.05 -4.99 21.80
C VAL A 351 21.31 -5.83 21.86
N ASP A 352 22.45 -5.18 21.62
CA ASP A 352 23.73 -5.85 21.83
C ASP A 352 24.16 -5.61 23.27
N THR A 353 25.29 -6.20 23.64
CA THR A 353 25.82 -6.07 24.99
C THR A 353 26.10 -4.61 25.37
N ASP A 354 26.42 -3.79 24.38
CA ASP A 354 26.67 -2.36 24.61
C ASP A 354 25.35 -1.57 24.73
N GLY A 355 24.22 -2.23 24.50
CA GLY A 355 22.94 -1.57 24.58
C GLY A 355 22.43 -1.04 23.24
N SER A 356 23.26 -1.06 22.21
CA SER A 356 22.88 -0.59 20.88
C SER A 356 21.77 -1.45 20.27
N GLU A 357 20.64 -0.80 19.95
CA GLU A 357 19.49 -1.44 19.33
C GLU A 357 19.82 -2.12 18.01
N VAL A 358 19.17 -3.25 17.75
CA VAL A 358 19.36 -4.01 16.54
C VAL A 358 18.50 -3.45 15.38
N PHE A 359 19.04 -3.48 14.17
CA PHE A 359 18.33 -3.00 12.98
C PHE A 359 16.98 -3.68 12.77
N GLU A 360 15.93 -2.86 12.71
CA GLU A 360 14.55 -3.34 12.63
C GLU A 360 14.23 -4.12 11.35
N GLY A 361 14.70 -3.61 10.21
CA GLY A 361 14.51 -4.27 8.94
C GLY A 361 15.09 -5.66 8.94
N ILE A 362 16.27 -5.81 9.55
CA ILE A 362 16.91 -7.13 9.66
C ILE A 362 16.03 -8.05 10.50
N MET A 363 15.47 -7.51 11.57
CA MET A 363 14.56 -8.28 12.42
C MET A 363 13.28 -8.69 11.68
N ASP A 364 12.68 -7.74 10.95
CA ASP A 364 11.47 -8.04 10.19
C ASP A 364 11.71 -9.12 9.15
N ALA A 365 12.87 -9.13 8.51
CA ALA A 365 13.11 -10.20 7.55
C ALA A 365 13.09 -11.58 8.22
N LEU A 366 13.76 -11.70 9.37
CA LEU A 366 13.85 -12.99 10.06
C LEU A 366 12.49 -13.41 10.57
N PHE A 367 11.88 -12.57 11.38
CA PHE A 367 10.60 -12.90 12.02
C PHE A 367 9.40 -13.02 11.06
N THR A 368 9.14 -12.02 10.22
CA THR A 368 8.01 -12.17 9.28
C THR A 368 8.26 -13.31 8.30
N GLY A 369 9.52 -13.54 7.92
CA GLY A 369 9.85 -14.67 7.09
C GLY A 369 9.64 -15.99 7.82
N LEU A 370 10.10 -16.07 9.07
CA LEU A 370 9.86 -17.28 9.87
C LEU A 370 8.37 -17.59 9.93
N ILE A 371 7.61 -16.58 10.31
CA ILE A 371 6.18 -16.70 10.48
C ILE A 371 5.48 -17.17 9.21
N ALA A 372 5.88 -16.62 8.07
CA ALA A 372 5.23 -16.87 6.79
C ALA A 372 5.37 -18.33 6.31
N ILE A 373 6.23 -19.09 6.97
CA ILE A 373 6.37 -20.51 6.67
C ILE A 373 5.03 -21.22 6.85
N HIS A 374 4.26 -20.78 7.84
CA HIS A 374 2.96 -21.39 8.13
C HIS A 374 1.99 -21.21 6.94
N GLY A 375 2.17 -20.12 6.19
CA GLY A 375 1.32 -19.84 5.05
C GLY A 375 1.46 -20.79 3.88
N LEU A 376 2.55 -21.55 3.84
CA LEU A 376 2.75 -22.51 2.75
C LEU A 376 2.20 -23.91 3.07
N LYS A 377 1.80 -24.14 4.31
CA LYS A 377 1.25 -25.46 4.72
C LYS A 377 -0.12 -25.28 5.39
N ALA A 378 -1.01 -26.26 5.24
CA ALA A 378 -2.38 -26.13 5.75
C ALA A 378 -2.50 -26.47 7.23
N LEU A 385 -6.48 -21.36 5.53
CA LEU A 385 -5.25 -21.75 6.20
C LEU A 385 -4.02 -21.31 5.40
N ILE A 386 -4.09 -21.48 4.07
CA ILE A 386 -2.93 -21.30 3.18
C ILE A 386 -2.90 -19.97 2.39
N ASN A 387 -1.74 -19.69 1.80
CA ASN A 387 -1.50 -18.45 1.10
C ASN A 387 -0.94 -18.70 -0.29
N SER A 388 0.37 -18.88 -0.37
CA SER A 388 1.01 -19.10 -1.66
C SER A 388 1.01 -20.56 -2.06
N ARG A 389 0.24 -20.88 -3.08
CA ARG A 389 0.16 -22.25 -3.54
C ARG A 389 1.40 -22.68 -4.33
N THR A 390 2.26 -21.72 -4.65
CA THR A 390 3.42 -21.99 -5.49
C THR A 390 4.68 -22.07 -4.67
N GLY A 391 4.58 -21.64 -3.42
CA GLY A 391 5.64 -21.81 -2.45
C GLY A 391 6.51 -20.61 -2.19
N SER A 392 5.93 -19.40 -2.23
CA SER A 392 6.70 -18.17 -2.11
C SER A 392 6.27 -17.33 -0.93
N ILE A 393 7.17 -16.50 -0.44
CA ILE A 393 6.85 -15.51 0.59
C ILE A 393 7.08 -14.15 -0.04
N TYR A 394 6.16 -13.21 0.22
CA TYR A 394 6.15 -11.93 -0.50
C TYR A 394 6.40 -10.74 0.42
N ILE A 395 7.61 -10.22 0.38
CA ILE A 395 7.96 -9.06 1.19
C ILE A 395 8.09 -7.78 0.36
N VAL A 396 7.38 -6.74 0.80
CA VAL A 396 7.46 -5.42 0.18
C VAL A 396 8.46 -4.59 0.98
N LYS A 397 9.45 -4.04 0.29
CA LYS A 397 10.51 -3.30 0.95
C LYS A 397 10.46 -1.83 0.58
N PRO A 398 10.21 -0.99 1.58
CA PRO A 398 10.03 0.44 1.37
C PRO A 398 11.35 1.21 1.53
N LYS A 399 11.40 2.42 0.98
CA LYS A 399 12.41 3.41 1.30
C LYS A 399 13.87 3.06 0.95
N MET A 400 14.11 2.09 0.08
CA MET A 400 15.46 1.86 -0.42
C MET A 400 15.95 3.01 -1.30
N HIS A 401 17.26 3.29 -1.23
CA HIS A 401 17.87 4.34 -2.03
C HIS A 401 18.91 3.77 -2.97
N GLY A 402 18.48 3.32 -4.14
CA GLY A 402 19.43 2.87 -5.13
C GLY A 402 19.71 1.38 -5.10
N PRO A 403 20.39 0.90 -6.14
CA PRO A 403 20.54 -0.53 -6.39
C PRO A 403 21.41 -1.28 -5.37
N ALA A 404 22.43 -0.66 -4.79
CA ALA A 404 23.18 -1.38 -3.76
C ALA A 404 22.29 -1.72 -2.55
N GLU A 405 21.38 -0.82 -2.20
CA GLU A 405 20.43 -1.05 -1.11
C GLU A 405 19.44 -2.17 -1.43
N VAL A 406 19.21 -2.42 -2.70
CA VAL A 406 18.31 -3.48 -3.17
C VAL A 406 19.03 -4.82 -3.10
N ALA A 407 20.31 -4.81 -3.46
CA ALA A 407 21.14 -6.01 -3.42
C ALA A 407 21.37 -6.43 -1.98
N PHE A 408 21.39 -5.46 -1.07
CA PHE A 408 21.55 -5.76 0.33
C PHE A 408 20.33 -6.51 0.82
N THR A 409 19.14 -5.97 0.53
CA THR A 409 17.89 -6.62 0.87
C THR A 409 17.87 -8.08 0.36
N CYS A 410 18.25 -8.29 -0.90
CA CYS A 410 18.33 -9.66 -1.44
C CYS A 410 19.31 -10.56 -0.67
N GLU A 411 20.48 -10.04 -0.33
CA GLU A 411 21.48 -10.81 0.39
C GLU A 411 20.95 -11.17 1.79
N LEU A 412 20.32 -10.20 2.44
CA LEU A 412 19.61 -10.45 3.69
C LEU A 412 18.62 -11.60 3.52
N PHE A 413 17.83 -11.57 2.45
CA PHE A 413 16.84 -12.62 2.22
C PHE A 413 17.50 -13.96 2.04
N SER A 414 18.60 -13.98 1.30
CA SER A 414 19.33 -15.21 1.09
C SER A 414 19.70 -15.85 2.42
N ARG A 415 20.28 -15.05 3.31
CA ARG A 415 20.76 -15.52 4.62
C ARG A 415 19.63 -16.05 5.47
N VAL A 416 18.55 -15.26 5.56
CA VAL A 416 17.37 -15.61 6.34
C VAL A 416 16.77 -16.92 5.86
N GLU A 417 16.86 -17.18 4.56
CA GLU A 417 16.40 -18.44 4.01
C GLU A 417 17.21 -19.62 4.51
N ASP A 418 18.49 -19.39 4.78
CA ASP A 418 19.39 -20.43 5.29
C ASP A 418 19.04 -20.76 6.74
N VAL A 419 18.89 -19.72 7.56
CA VAL A 419 18.41 -19.87 8.94
C VAL A 419 17.09 -20.62 8.99
N LEU A 420 16.26 -20.47 7.97
CA LEU A 420 14.92 -21.04 7.99
C LEU A 420 14.85 -22.38 7.27
N GLY A 421 15.92 -22.70 6.54
CA GLY A 421 15.97 -23.94 5.79
C GLY A 421 15.08 -23.91 4.55
N LEU A 422 14.76 -22.70 4.08
CA LEU A 422 13.91 -22.56 2.90
C LEU A 422 14.76 -22.62 1.65
N PRO A 423 14.19 -23.09 0.54
CA PRO A 423 14.92 -23.02 -0.72
C PRO A 423 15.31 -21.59 -1.00
N GLN A 424 16.42 -21.39 -1.70
CA GLN A 424 16.85 -20.04 -2.01
C GLN A 424 15.81 -19.38 -2.92
N ASN A 425 15.65 -18.06 -2.79
CA ASN A 425 14.70 -17.25 -3.57
C ASN A 425 13.23 -17.48 -3.24
N THR A 426 12.95 -18.18 -2.15
CA THR A 426 11.58 -18.34 -1.67
C THR A 426 11.01 -16.98 -1.28
N MET A 427 11.84 -16.14 -0.67
CA MET A 427 11.40 -14.83 -0.20
C MET A 427 11.53 -13.79 -1.30
N LYS A 428 10.39 -13.52 -1.96
CA LYS A 428 10.30 -12.59 -3.08
C LYS A 428 10.31 -11.15 -2.60
N ILE A 429 10.77 -10.24 -3.45
CA ILE A 429 10.78 -8.83 -3.07
C ILE A 429 9.83 -7.95 -3.91
N GLY A 430 9.18 -7.01 -3.24
CA GLY A 430 8.48 -5.95 -3.91
C GLY A 430 9.27 -4.68 -3.69
N ILE A 431 9.85 -4.16 -4.77
CA ILE A 431 10.65 -2.94 -4.70
C ILE A 431 9.76 -1.72 -4.82
N MET A 432 9.58 -1.00 -3.73
CA MET A 432 8.85 0.25 -3.83
C MET A 432 9.76 1.36 -4.34
N ASP A 433 9.30 2.05 -5.39
CA ASP A 433 10.01 3.18 -5.94
C ASP A 433 9.44 4.40 -5.26
N GLU A 434 10.12 4.85 -4.21
CA GLU A 434 9.67 6.03 -3.46
C GLU A 434 10.86 6.89 -2.98
N GLU A 435 12.05 6.55 -3.41
CA GLU A 435 13.19 7.44 -3.22
C GLU A 435 13.80 7.82 -4.59
N ARG A 436 14.22 9.08 -4.71
CA ARG A 436 14.78 9.62 -5.94
C ARG A 436 15.99 8.85 -6.47
N ARG A 437 16.86 8.37 -5.57
CA ARG A 437 18.03 7.61 -5.98
C ARG A 437 17.66 6.20 -6.45
N THR A 438 16.44 5.75 -6.11
CA THR A 438 15.92 4.53 -6.73
C THR A 438 15.25 4.86 -8.08
N THR A 439 14.44 5.91 -8.12
CA THR A 439 13.85 6.35 -9.39
C THR A 439 14.85 6.42 -10.55
N VAL A 440 15.91 7.22 -10.38
CA VAL A 440 16.86 7.47 -11.47
C VAL A 440 17.89 6.35 -11.69
N ASN A 441 17.78 5.28 -10.89
CA ASN A 441 18.55 4.08 -11.11
C ASN A 441 17.63 2.86 -11.10
N LEU A 442 16.40 3.02 -11.60
CA LEU A 442 15.37 1.99 -11.41
C LEU A 442 15.65 0.67 -12.11
N LYS A 443 16.17 0.75 -13.34
CA LYS A 443 16.54 -0.46 -14.09
C LYS A 443 17.61 -1.28 -13.37
N ALA A 444 18.58 -0.60 -12.75
CA ALA A 444 19.62 -1.29 -11.99
C ALA A 444 19.08 -1.90 -10.69
N CYS A 445 18.12 -1.23 -10.07
CA CYS A 445 17.52 -1.74 -8.84
C CYS A 445 16.79 -3.05 -9.12
N ILE A 446 15.99 -3.05 -10.18
CA ILE A 446 15.26 -4.24 -10.60
C ILE A 446 16.21 -5.39 -10.94
N LYS A 447 17.32 -5.06 -11.59
CA LYS A 447 18.28 -6.10 -12.00
C LYS A 447 18.97 -6.71 -10.78
N ALA A 448 19.21 -5.90 -9.75
CA ALA A 448 19.78 -6.41 -8.51
C ALA A 448 18.86 -7.45 -7.86
N ALA A 449 17.58 -7.39 -8.19
CA ALA A 449 16.61 -8.33 -7.61
C ALA A 449 15.99 -9.19 -8.69
N ALA A 450 16.71 -9.37 -9.80
CA ALA A 450 16.15 -9.98 -11.00
C ALA A 450 15.53 -11.36 -10.81
N ASP A 451 15.96 -12.08 -9.76
CA ASP A 451 15.46 -13.44 -9.56
C ASP A 451 14.51 -13.54 -8.38
N ARG A 452 14.22 -12.41 -7.74
CA ARG A 452 13.32 -12.37 -6.59
C ARG A 452 12.17 -11.38 -6.76
N VAL A 453 12.33 -10.40 -7.66
CA VAL A 453 11.37 -9.31 -7.78
C VAL A 453 10.02 -9.78 -8.31
N VAL A 454 8.95 -9.38 -7.63
CA VAL A 454 7.60 -9.71 -8.05
C VAL A 454 6.72 -8.46 -8.19
N PHE A 455 7.31 -7.27 -7.91
CA PHE A 455 6.52 -6.04 -7.72
C PHE A 455 7.37 -4.76 -7.76
N ILE A 456 6.88 -3.76 -8.49
CA ILE A 456 7.30 -2.37 -8.28
C ILE A 456 6.06 -1.48 -8.14
N ASN A 457 6.22 -0.28 -7.58
CA ASN A 457 5.14 0.67 -7.52
C ASN A 457 5.63 2.07 -7.20
N THR A 458 4.70 3.00 -7.31
CA THR A 458 4.97 4.40 -7.06
C THR A 458 3.91 4.95 -6.11
N GLY A 459 4.19 6.12 -5.53
CA GLY A 459 3.24 6.85 -4.70
C GLY A 459 3.65 8.31 -4.60
N PHE A 460 2.79 9.13 -4.00
CA PHE A 460 3.04 10.57 -3.94
C PHE A 460 3.88 11.03 -2.74
N LEU A 461 3.50 10.56 -1.56
CA LEU A 461 3.99 11.10 -0.29
C LEU A 461 5.50 10.95 -0.06
N ASP A 462 5.99 9.73 0.20
CA ASP A 462 7.42 9.54 0.42
C ASP A 462 8.27 10.17 -0.68
N ARG A 463 7.92 9.86 -1.93
CA ARG A 463 8.73 10.23 -3.08
C ARG A 463 8.91 11.74 -3.20
N THR A 464 7.85 12.48 -2.94
CA THR A 464 7.93 13.92 -2.95
C THR A 464 8.69 14.45 -1.72
N GLY A 465 8.55 13.76 -0.58
CA GLY A 465 9.33 14.08 0.60
C GLY A 465 10.82 14.00 0.33
N ASP A 466 11.24 12.91 -0.33
CA ASP A 466 12.64 12.71 -0.73
C ASP A 466 13.07 13.75 -1.77
N GLU A 467 12.17 14.06 -2.70
CA GLU A 467 12.40 15.06 -3.72
C GLU A 467 12.76 16.41 -3.07
N ILE A 468 11.92 16.84 -2.14
CA ILE A 468 12.14 18.08 -1.41
C ILE A 468 13.43 18.03 -0.60
N HIS A 469 13.69 16.91 0.07
CA HIS A 469 14.86 16.85 0.92
C HIS A 469 16.13 16.89 0.10
N THR A 470 16.17 16.08 -0.95
CA THR A 470 17.34 15.97 -1.81
C THR A 470 17.73 17.33 -2.38
N SER A 471 16.76 18.18 -2.65
CA SER A 471 17.05 19.48 -3.24
C SER A 471 16.75 20.63 -2.28
N MET A 472 16.82 20.32 -1.00
CA MET A 472 16.55 21.29 0.07
C MET A 472 17.28 22.62 -0.10
N GLU A 473 18.54 22.57 -0.53
CA GLU A 473 19.36 23.78 -0.59
C GLU A 473 19.18 24.61 -1.87
N ALA A 474 18.49 24.05 -2.85
CA ALA A 474 18.41 24.72 -4.16
C ALA A 474 17.55 25.98 -4.17
N GLY A 475 16.59 26.08 -3.24
CA GLY A 475 15.64 27.18 -3.23
C GLY A 475 14.25 26.70 -2.80
N PRO A 476 13.32 27.64 -2.62
CA PRO A 476 11.97 27.29 -2.17
C PRO A 476 11.20 26.46 -3.20
N MET A 477 10.47 25.44 -2.73
CA MET A 477 9.75 24.51 -3.58
C MET A 477 8.32 24.96 -3.83
N VAL A 478 7.69 24.43 -4.87
CA VAL A 478 6.27 24.68 -5.10
C VAL A 478 5.42 24.05 -3.98
N ARG A 479 4.22 24.58 -3.79
CA ARG A 479 3.28 24.06 -2.80
C ARG A 479 2.96 22.59 -3.05
N LYS A 480 2.43 21.93 -2.02
CA LYS A 480 2.20 20.48 -2.04
C LYS A 480 1.27 20.06 -3.17
N GLY A 481 0.21 20.83 -3.38
CA GLY A 481 -0.77 20.54 -4.42
C GLY A 481 -0.12 20.59 -5.78
N THR A 482 0.66 21.62 -5.99
CA THR A 482 1.40 21.82 -7.21
C THR A 482 2.24 20.61 -7.59
N MET A 483 2.81 19.95 -6.57
CA MET A 483 3.71 18.81 -6.76
C MET A 483 3.14 17.68 -7.61
N LYS A 484 1.84 17.42 -7.42
CA LYS A 484 1.15 16.33 -8.11
C LYS A 484 1.15 16.51 -9.62
N SER A 485 1.38 17.73 -10.09
CA SER A 485 1.42 17.98 -11.53
C SER A 485 2.80 18.42 -12.03
N GLN A 486 3.83 18.30 -11.20
CA GLN A 486 5.17 18.74 -11.61
C GLN A 486 5.77 17.82 -12.67
N PRO A 487 6.67 18.35 -13.48
CA PRO A 487 7.38 17.53 -14.49
C PRO A 487 8.13 16.33 -13.90
N TRP A 488 8.78 16.46 -12.75
CA TRP A 488 9.55 15.35 -12.22
C TRP A 488 8.62 14.17 -11.91
N ILE A 489 7.48 14.44 -11.33
CA ILE A 489 6.65 13.34 -10.82
C ILE A 489 5.89 12.63 -11.93
N LEU A 490 5.55 13.38 -12.98
CA LEU A 490 4.90 12.78 -14.14
C LEU A 490 5.89 11.92 -14.90
N ALA A 491 7.14 12.37 -14.97
CA ALA A 491 8.21 11.60 -15.60
C ALA A 491 8.53 10.35 -14.79
N TYR A 492 8.40 10.45 -13.47
CA TYR A 492 8.68 9.35 -12.57
C TYR A 492 7.58 8.29 -12.64
N GLU A 493 6.32 8.73 -12.71
CA GLU A 493 5.22 7.80 -12.90
C GLU A 493 5.38 6.95 -14.17
N ASP A 494 5.68 7.62 -15.28
CA ASP A 494 5.83 6.92 -16.56
C ASP A 494 7.08 6.05 -16.56
N HIS A 495 8.18 6.61 -16.05
CA HIS A 495 9.45 5.91 -15.98
C HIS A 495 9.31 4.58 -15.24
N ASN A 496 8.53 4.57 -14.16
CA ASN A 496 8.31 3.34 -13.37
C ASN A 496 7.72 2.23 -14.24
N VAL A 497 6.62 2.56 -14.92
CA VAL A 497 5.95 1.62 -15.82
C VAL A 497 6.88 1.12 -16.93
N ASP A 498 7.58 2.04 -17.61
CA ASP A 498 8.53 1.67 -18.66
C ASP A 498 9.61 0.68 -18.18
N ALA A 499 10.24 0.98 -17.05
CA ALA A 499 11.29 0.11 -16.52
C ALA A 499 10.81 -1.32 -16.22
N GLY A 500 9.63 -1.45 -15.60
CA GLY A 500 9.09 -2.76 -15.28
C GLY A 500 8.79 -3.55 -16.55
N LEU A 501 8.12 -2.90 -17.50
CA LEU A 501 7.76 -3.53 -18.77
C LEU A 501 8.99 -3.91 -19.60
N ALA A 502 9.99 -3.03 -19.62
CA ALA A 502 11.24 -3.30 -20.33
C ALA A 502 11.97 -4.47 -19.72
N ALA A 503 11.72 -4.71 -18.43
CA ALA A 503 12.35 -5.77 -17.67
C ALA A 503 11.49 -7.03 -17.74
N GLY A 504 10.35 -6.92 -18.40
CA GLY A 504 9.49 -8.07 -18.66
C GLY A 504 8.42 -8.36 -17.62
N PHE A 505 7.97 -7.33 -16.91
CA PHE A 505 7.01 -7.51 -15.82
C PHE A 505 5.67 -8.02 -16.30
N SER A 506 5.28 -7.62 -17.51
CA SER A 506 3.98 -7.99 -18.06
C SER A 506 3.83 -9.49 -18.20
N GLY A 507 3.01 -10.07 -17.34
CA GLY A 507 2.90 -11.52 -17.27
C GLY A 507 3.83 -12.16 -16.23
N ARG A 508 4.72 -11.38 -15.62
CA ARG A 508 5.64 -11.91 -14.61
C ARG A 508 5.53 -11.26 -13.24
N ALA A 509 5.26 -9.96 -13.20
CA ALA A 509 5.28 -9.25 -11.93
C ALA A 509 4.37 -8.02 -11.97
N GLN A 510 3.94 -7.56 -10.79
CA GLN A 510 3.09 -6.38 -10.70
C GLN A 510 3.79 -5.05 -10.97
N VAL A 511 3.08 -4.15 -11.64
CA VAL A 511 3.49 -2.76 -11.70
C VAL A 511 2.40 -1.91 -11.09
N GLY A 512 2.65 -1.35 -9.90
CA GLY A 512 1.61 -0.68 -9.14
C GLY A 512 1.67 0.84 -9.07
N LYS A 513 0.53 1.43 -8.74
CA LYS A 513 0.46 2.88 -8.54
C LYS A 513 -0.25 3.17 -7.23
N GLY A 514 -0.27 4.44 -6.84
CA GLY A 514 -0.56 4.82 -5.47
C GLY A 514 -1.99 4.81 -4.95
N MET A 515 -2.10 5.18 -3.67
CA MET A 515 -3.33 5.04 -2.89
C MET A 515 -4.35 6.11 -3.20
N TRP A 516 -5.63 5.71 -3.22
CA TRP A 516 -6.72 6.67 -3.17
C TRP A 516 -7.00 6.95 -1.70
N THR A 517 -6.80 8.20 -1.29
CA THR A 517 -6.78 8.55 0.11
C THR A 517 -8.11 9.08 0.62
N MET A 518 -9.02 9.43 -0.29
CA MET A 518 -10.30 10.06 0.06
C MET A 518 -11.41 9.04 0.22
N THR A 519 -11.47 8.45 1.40
CA THR A 519 -12.32 7.29 1.66
C THR A 519 -13.81 7.52 1.48
N GLU A 520 -14.28 8.75 1.64
CA GLU A 520 -15.71 8.99 1.50
C GLU A 520 -16.08 9.44 0.07
N LEU A 521 -15.07 9.71 -0.74
CA LEU A 521 -15.29 10.23 -2.08
C LEU A 521 -15.17 9.16 -3.16
N MET A 522 -16.12 8.23 -3.16
CA MET A 522 -16.06 7.06 -4.05
C MET A 522 -16.49 7.32 -5.50
N ALA A 523 -17.46 8.23 -5.69
CA ALA A 523 -17.81 8.67 -7.04
C ALA A 523 -16.57 9.21 -7.73
N ASP A 524 -15.85 10.10 -7.06
CA ASP A 524 -14.60 10.63 -7.60
C ASP A 524 -13.61 9.52 -7.91
N MET A 525 -13.44 8.58 -6.98
CA MET A 525 -12.50 7.49 -7.22
C MET A 525 -12.91 6.73 -8.48
N VAL A 526 -14.20 6.47 -8.61
CA VAL A 526 -14.68 5.72 -9.76
C VAL A 526 -14.44 6.53 -11.03
N GLU A 527 -14.62 7.84 -10.91
CA GLU A 527 -14.39 8.76 -12.02
C GLU A 527 -12.92 8.83 -12.43
N THR A 528 -12.04 9.09 -11.47
CA THR A 528 -10.66 9.44 -11.80
C THR A 528 -9.63 8.30 -11.78
N LYS A 529 -9.77 7.36 -10.84
CA LYS A 529 -8.73 6.32 -10.61
C LYS A 529 -8.52 5.37 -11.79
N ILE A 530 -9.49 5.36 -12.71
CA ILE A 530 -9.38 4.60 -13.96
C ILE A 530 -8.08 4.95 -14.73
N ALA A 531 -7.57 6.15 -14.53
CA ALA A 531 -6.33 6.53 -15.20
C ALA A 531 -5.15 5.59 -14.89
N GLN A 532 -5.13 5.00 -13.69
CA GLN A 532 -4.03 4.10 -13.32
C GLN A 532 -3.87 2.84 -14.17
N PRO A 533 -4.95 2.04 -14.33
CA PRO A 533 -4.79 0.93 -15.28
C PRO A 533 -4.64 1.38 -16.73
N ARG A 534 -5.14 2.57 -17.05
CA ARG A 534 -4.98 3.11 -18.40
C ARG A 534 -3.54 3.48 -18.63
N ALA A 535 -2.84 3.80 -17.54
CA ALA A 535 -1.41 4.10 -17.57
C ALA A 535 -0.59 2.83 -17.56
N GLY A 536 -1.26 1.69 -17.54
CA GLY A 536 -0.60 0.41 -17.58
C GLY A 536 -0.30 -0.23 -16.23
N ALA A 537 -0.88 0.30 -15.16
CA ALA A 537 -0.68 -0.28 -13.82
C ALA A 537 -1.39 -1.62 -13.65
N SER A 538 -0.61 -2.66 -13.37
CA SER A 538 -1.14 -3.99 -13.03
C SER A 538 -2.03 -3.97 -11.80
N THR A 539 -1.84 -2.98 -10.95
CA THR A 539 -2.48 -2.96 -9.66
C THR A 539 -2.31 -1.57 -9.08
N ALA A 540 -3.15 -1.23 -8.11
CA ALA A 540 -3.02 0.06 -7.42
C ALA A 540 -3.72 -0.02 -6.09
N TRP A 541 -3.39 0.90 -5.19
CA TRP A 541 -3.82 0.83 -3.78
C TRP A 541 -5.16 1.47 -3.47
N VAL A 542 -5.92 0.75 -2.64
CA VAL A 542 -7.21 1.21 -2.14
C VAL A 542 -7.24 1.12 -0.60
N PRO A 543 -7.97 2.02 0.06
CA PRO A 543 -7.94 2.15 1.52
C PRO A 543 -8.99 1.31 2.25
N SER A 544 -9.85 0.60 1.51
CA SER A 544 -10.90 -0.20 2.14
C SER A 544 -11.36 -1.34 1.24
N PRO A 545 -12.00 -2.38 1.83
CA PRO A 545 -12.63 -3.41 0.99
C PRO A 545 -13.67 -2.83 0.02
N THR A 546 -14.51 -1.91 0.49
CA THR A 546 -15.46 -1.20 -0.36
C THR A 546 -14.75 -0.60 -1.58
N ALA A 547 -13.75 0.23 -1.32
CA ALA A 547 -12.95 0.84 -2.36
C ALA A 547 -12.39 -0.19 -3.33
N ALA A 548 -11.91 -1.30 -2.81
CA ALA A 548 -11.36 -2.37 -3.65
C ALA A 548 -12.41 -2.89 -4.61
N THR A 549 -13.64 -3.04 -4.12
CA THR A 549 -14.74 -3.50 -4.96
C THR A 549 -15.02 -2.50 -6.10
N LEU A 550 -15.13 -1.22 -5.75
CA LEU A 550 -15.40 -0.18 -6.74
C LEU A 550 -14.25 -0.09 -7.73
N HIS A 551 -13.02 -0.12 -7.23
CA HIS A 551 -11.86 0.00 -8.09
C HIS A 551 -11.76 -1.16 -9.08
N ALA A 552 -12.31 -2.31 -8.72
CA ALA A 552 -12.34 -3.48 -9.62
C ALA A 552 -13.07 -3.18 -10.94
N LEU A 553 -14.02 -2.25 -10.91
CA LEU A 553 -14.72 -1.82 -12.12
C LEU A 553 -13.71 -1.41 -13.19
N HIS A 554 -12.64 -0.73 -12.78
CA HIS A 554 -11.70 -0.15 -13.73
C HIS A 554 -10.94 -1.16 -14.54
N TYR A 555 -10.76 -2.36 -13.98
CA TYR A 555 -10.02 -3.40 -14.65
C TYR A 555 -10.97 -4.19 -15.56
N HIS A 556 -12.26 -4.02 -15.33
CA HIS A 556 -13.24 -4.59 -16.24
C HIS A 556 -13.34 -3.74 -17.52
N GLN A 557 -13.28 -2.42 -17.36
CA GLN A 557 -13.33 -1.49 -18.47
C GLN A 557 -12.01 -1.37 -19.21
N VAL A 558 -10.91 -1.52 -18.48
CA VAL A 558 -9.59 -1.39 -19.09
C VAL A 558 -8.91 -2.76 -19.18
N ASP A 559 -8.37 -3.07 -20.35
CA ASP A 559 -7.62 -4.29 -20.56
C ASP A 559 -6.13 -4.02 -20.34
N VAL A 560 -5.70 -4.14 -19.09
CA VAL A 560 -4.33 -3.79 -18.71
C VAL A 560 -3.25 -4.57 -19.48
N ALA A 561 -3.51 -5.83 -19.81
CA ALA A 561 -2.53 -6.59 -20.57
C ALA A 561 -2.31 -5.96 -21.94
N ALA A 562 -3.40 -5.53 -22.56
CA ALA A 562 -3.34 -4.92 -23.89
C ALA A 562 -2.59 -3.60 -23.81
N VAL A 563 -2.91 -2.82 -22.78
CA VAL A 563 -2.26 -1.54 -22.54
C VAL A 563 -0.75 -1.72 -22.35
N GLN A 564 -0.37 -2.67 -21.49
CA GLN A 564 1.05 -2.95 -21.24
C GLN A 564 1.76 -3.42 -22.49
N GLN A 565 1.10 -4.27 -23.25
CA GLN A 565 1.66 -4.77 -24.51
C GLN A 565 1.90 -3.58 -25.46
N GLY A 566 0.97 -2.62 -25.43
CA GLY A 566 1.04 -1.46 -26.30
C GLY A 566 2.10 -0.44 -25.92
N LEU A 567 2.50 -0.45 -24.64
CA LEU A 567 3.52 0.48 -24.14
C LEU A 567 4.96 0.01 -24.38
N ALA A 568 5.14 -1.27 -24.66
CA ALA A 568 6.48 -1.87 -24.72
C ALA A 568 7.41 -1.18 -25.72
N GLY A 569 8.69 -1.04 -25.33
CA GLY A 569 9.70 -0.46 -26.21
C GLY A 569 9.79 1.05 -26.14
N LYS A 570 8.78 1.67 -25.55
CA LYS A 570 8.72 3.13 -25.43
C LYS A 570 9.58 3.67 -24.29
N ARG A 571 10.22 4.80 -24.54
CA ARG A 571 10.93 5.52 -23.50
C ARG A 571 10.26 6.87 -23.31
N ARG A 572 9.29 6.92 -22.40
CA ARG A 572 8.46 8.11 -22.28
C ARG A 572 8.95 9.11 -21.25
N ALA A 573 10.15 8.89 -20.73
CA ALA A 573 10.71 9.80 -19.75
C ALA A 573 12.24 9.80 -19.85
N THR A 574 12.82 10.99 -19.95
CA THR A 574 14.27 11.13 -19.99
C THR A 574 14.81 11.45 -18.61
N ILE A 575 16.12 11.27 -18.43
CA ILE A 575 16.75 11.54 -17.15
C ILE A 575 16.62 13.03 -16.79
N GLU A 576 16.63 13.89 -17.80
CA GLU A 576 16.49 15.34 -17.59
C GLU A 576 15.16 15.68 -16.95
N GLN A 577 14.10 15.01 -17.39
CA GLN A 577 12.77 15.27 -16.86
C GLN A 577 12.68 14.82 -15.40
N LEU A 578 13.26 13.65 -15.12
CA LEU A 578 13.26 13.09 -13.78
C LEU A 578 13.98 14.01 -12.81
N LEU A 579 15.01 14.68 -13.32
CA LEU A 579 15.91 15.52 -12.51
C LEU A 579 15.44 16.95 -12.42
N THR A 580 14.31 17.28 -13.05
CA THR A 580 13.79 18.64 -13.00
C THR A 580 13.26 18.96 -11.62
N ILE A 581 14.03 19.74 -10.87
CA ILE A 581 13.70 20.08 -9.49
C ILE A 581 12.50 20.99 -9.40
N PRO A 582 11.52 20.64 -8.54
CA PRO A 582 10.26 21.39 -8.43
C PRO A 582 10.38 22.75 -7.72
N LEU A 583 11.33 23.56 -8.19
CA LEU A 583 11.56 24.91 -7.63
C LEU A 583 10.49 25.91 -8.04
N ALA A 584 10.10 26.76 -7.11
CA ALA A 584 9.12 27.83 -7.39
C ALA A 584 9.74 29.00 -8.18
N LYS A 585 9.08 29.42 -9.26
CA LYS A 585 9.52 30.59 -10.01
C LYS A 585 9.38 31.83 -9.11
N GLU A 586 10.37 32.73 -9.16
CA GLU A 586 10.46 33.87 -8.24
C GLU A 586 9.15 34.60 -7.99
N LEU A 587 8.86 34.87 -6.72
CA LEU A 587 7.64 35.58 -6.30
C LEU A 587 6.38 34.94 -6.86
N ALA A 588 6.18 33.66 -6.55
CA ALA A 588 5.06 32.93 -7.11
C ALA A 588 3.76 33.17 -6.35
N TRP A 589 3.88 33.52 -5.07
CA TRP A 589 2.70 33.51 -4.19
C TRP A 589 2.41 34.83 -3.49
N ALA A 590 1.12 35.10 -3.32
CA ALA A 590 0.65 36.18 -2.46
C ALA A 590 0.77 35.74 -1.01
N PRO A 591 0.91 36.69 -0.07
CA PRO A 591 1.05 36.38 1.36
C PRO A 591 -0.08 35.52 1.94
N ASP A 592 -1.26 35.58 1.33
CA ASP A 592 -2.40 34.79 1.80
C ASP A 592 -2.31 33.34 1.31
N GLU A 593 -1.67 33.16 0.15
CA GLU A 593 -1.41 31.83 -0.38
C GLU A 593 -0.36 31.12 0.48
N ILE A 594 0.63 31.87 0.92
CA ILE A 594 1.66 31.36 1.81
C ILE A 594 1.06 30.87 3.13
N ARG A 595 0.22 31.70 3.73
CA ARG A 595 -0.43 31.33 4.98
C ARG A 595 -1.35 30.12 4.81
N GLU A 596 -2.04 30.07 3.67
CA GLU A 596 -2.96 28.98 3.39
C GLU A 596 -2.20 27.66 3.37
N GLU A 597 -1.00 27.70 2.80
CA GLU A 597 -0.19 26.52 2.65
C GLU A 597 0.47 26.10 3.97
N VAL A 598 0.94 27.08 4.73
CA VAL A 598 1.55 26.81 6.04
C VAL A 598 0.51 26.18 6.95
N ASP A 599 -0.66 26.79 7.00
CA ASP A 599 -1.79 26.30 7.79
C ASP A 599 -2.13 24.87 7.41
N ASN A 600 -2.26 24.65 6.10
CA ASN A 600 -2.62 23.36 5.53
C ASN A 600 -1.66 22.27 5.98
N ASN A 601 -0.38 22.55 5.83
CA ASN A 601 0.65 21.61 6.23
C ASN A 601 0.74 21.42 7.75
N CYS A 602 0.57 22.49 8.52
CA CYS A 602 0.65 22.38 9.98
C CYS A 602 -0.51 21.54 10.46
N GLN A 603 -1.64 21.67 9.76
CA GLN A 603 -2.82 20.89 10.08
C GLN A 603 -2.58 19.40 9.79
N SER A 604 -1.91 19.11 8.68
CA SER A 604 -1.60 17.73 8.32
C SER A 604 -0.72 17.06 9.37
N ILE A 605 0.35 17.74 9.77
CA ILE A 605 1.25 17.23 10.79
C ILE A 605 0.46 16.89 12.05
N LEU A 606 -0.12 17.92 12.66
CA LEU A 606 -0.90 17.83 13.89
C LEU A 606 -1.99 16.77 13.88
N GLY A 607 -2.83 16.79 12.84
CA GLY A 607 -3.90 15.80 12.70
C GLY A 607 -3.42 14.37 12.72
N TYR A 608 -2.29 14.09 12.05
CA TYR A 608 -1.77 12.71 12.01
C TYR A 608 -0.88 12.40 13.24
N VAL A 609 -0.12 13.39 13.68
CA VAL A 609 0.78 13.22 14.81
C VAL A 609 0.04 12.90 16.11
N VAL A 610 -1.05 13.61 16.38
CA VAL A 610 -1.75 13.46 17.66
C VAL A 610 -2.30 12.06 17.85
N ARG A 611 -2.84 11.48 16.79
CA ARG A 611 -3.38 10.14 16.87
C ARG A 611 -2.26 9.12 16.98
N TRP A 612 -1.13 9.45 16.35
CA TRP A 612 0.04 8.59 16.31
C TRP A 612 0.76 8.54 17.68
N VAL A 613 1.04 9.70 18.24
CA VAL A 613 1.78 9.79 19.50
C VAL A 613 0.93 9.40 20.71
N ASP A 614 -0.31 9.91 20.76
CA ASP A 614 -1.19 9.69 21.90
C ASP A 614 -1.88 8.33 21.91
N GLN A 615 -2.02 7.69 20.75
CA GLN A 615 -2.79 6.45 20.69
C GLN A 615 -2.14 5.32 19.90
N GLY A 616 -0.93 5.56 19.40
CA GLY A 616 -0.26 4.57 18.57
C GLY A 616 -1.08 4.15 17.36
N VAL A 617 -1.82 5.10 16.78
CA VAL A 617 -2.58 4.84 15.55
C VAL A 617 -1.85 5.41 14.33
N GLY A 618 -1.51 4.53 13.39
CA GLY A 618 -0.77 4.92 12.22
C GLY A 618 -1.58 5.14 10.96
N ALA A 619 -2.85 4.74 10.97
CA ALA A 619 -3.70 4.88 9.80
C ALA A 619 -5.15 4.99 10.22
N SER A 620 -5.79 6.10 9.87
CA SER A 620 -7.18 6.32 10.21
C SER A 620 -7.81 7.41 9.31
N LYS A 621 -9.12 7.60 9.43
CA LYS A 621 -9.79 8.64 8.66
C LYS A 621 -9.56 10.01 9.29
N VAL A 622 -8.60 10.75 8.74
CA VAL A 622 -8.22 12.04 9.30
C VAL A 622 -8.80 13.19 8.50
N PRO A 623 -9.71 13.96 9.12
CA PRO A 623 -10.22 15.13 8.41
C PRO A 623 -9.06 16.08 8.10
N ASP A 624 -8.94 16.50 6.83
CA ASP A 624 -7.97 17.54 6.50
C ASP A 624 -8.54 18.91 6.89
N ILE A 625 -7.80 19.95 6.55
CA ILE A 625 -8.18 21.32 6.90
C ILE A 625 -9.57 21.73 6.38
N HIS A 626 -10.04 21.02 5.34
CA HIS A 626 -11.38 21.29 4.78
C HIS A 626 -12.37 20.21 5.18
N ASP A 627 -12.05 19.48 6.25
CA ASP A 627 -12.87 18.40 6.78
C ASP A 627 -13.11 17.24 5.79
N VAL A 628 -12.23 17.09 4.81
CA VAL A 628 -12.26 15.89 3.96
C VAL A 628 -11.49 14.77 4.65
N ALA A 629 -12.08 13.58 4.67
CA ALA A 629 -11.44 12.44 5.31
C ALA A 629 -10.35 11.89 4.41
N LEU A 630 -9.12 11.90 4.89
CA LEU A 630 -8.02 11.30 4.14
C LEU A 630 -7.44 10.13 4.91
N MET A 631 -7.03 9.10 4.18
CA MET A 631 -6.40 7.93 4.78
C MET A 631 -4.96 7.79 4.33
N GLU A 632 -4.07 8.60 4.88
CA GLU A 632 -2.66 8.56 4.52
C GLU A 632 -1.85 7.77 5.55
N ASP A 633 -0.71 7.22 5.15
CA ASP A 633 0.20 6.64 6.14
C ASP A 633 1.19 7.71 6.60
N ARG A 634 2.19 7.29 7.38
CA ARG A 634 3.17 8.19 8.01
C ARG A 634 3.87 9.16 7.05
N ALA A 635 4.01 8.75 5.79
CA ALA A 635 4.69 9.58 4.80
C ALA A 635 4.09 10.98 4.61
N THR A 636 2.83 11.16 4.96
CA THR A 636 2.22 12.50 4.88
C THR A 636 2.98 13.49 5.77
N LEU A 637 3.52 12.97 6.86
CA LEU A 637 4.38 13.73 7.77
C LEU A 637 5.70 14.13 7.12
N ARG A 638 6.29 13.24 6.33
CA ARG A 638 7.56 13.55 5.65
C ARG A 638 7.39 14.71 4.67
N ILE A 639 6.44 14.59 3.74
CA ILE A 639 6.25 15.64 2.75
C ILE A 639 5.92 17.01 3.39
N SER A 640 4.99 17.01 4.34
CA SER A 640 4.54 18.25 4.95
C SER A 640 5.62 18.89 5.79
N SER A 641 6.38 18.08 6.54
CA SER A 641 7.43 18.67 7.37
C SER A 641 8.60 19.16 6.51
N GLN A 642 9.01 18.37 5.52
CA GLN A 642 10.06 18.76 4.59
C GLN A 642 9.71 20.03 3.81
N LEU A 643 8.44 20.21 3.45
CA LEU A 643 8.04 21.42 2.70
C LEU A 643 8.18 22.66 3.57
N LEU A 644 7.67 22.59 4.80
CA LEU A 644 7.76 23.75 5.70
C LEU A 644 9.22 24.03 6.07
N ALA A 645 10.00 22.98 6.29
CA ALA A 645 11.41 23.15 6.60
C ALA A 645 12.11 23.81 5.42
N ASN A 646 11.71 23.42 4.20
CA ASN A 646 12.27 24.04 3.00
C ASN A 646 11.95 25.52 2.97
N TRP A 647 10.70 25.83 3.24
CA TRP A 647 10.22 27.21 3.19
C TRP A 647 10.84 28.03 4.30
N LEU A 648 11.04 27.43 5.47
CA LEU A 648 11.82 28.04 6.54
C LEU A 648 13.25 28.37 6.10
N ARG A 649 13.93 27.37 5.53
CA ARG A 649 15.34 27.51 5.13
C ARG A 649 15.58 28.67 4.17
N HIS A 650 14.62 28.95 3.31
CA HIS A 650 14.84 29.98 2.29
C HIS A 650 14.08 31.26 2.59
N GLY A 651 13.50 31.34 3.78
CA GLY A 651 12.89 32.60 4.21
C GLY A 651 11.57 32.96 3.58
N VAL A 652 10.87 31.97 3.02
CA VAL A 652 9.51 32.19 2.58
C VAL A 652 8.63 32.50 3.79
N ILE A 653 8.91 31.81 4.90
CA ILE A 653 8.19 32.02 6.15
C ILE A 653 9.17 32.13 7.31
N THR A 654 8.71 32.64 8.45
CA THR A 654 9.56 32.67 9.62
C THR A 654 9.17 31.66 10.68
N SER A 655 9.98 31.61 11.74
CA SER A 655 9.71 30.78 12.90
C SER A 655 8.49 31.29 13.69
N ALA A 656 8.30 32.60 13.70
CA ALA A 656 7.09 33.18 14.28
C ALA A 656 5.87 32.70 13.48
N ASP A 657 5.99 32.71 12.16
CA ASP A 657 4.93 32.20 11.28
C ASP A 657 4.58 30.74 11.64
N VAL A 658 5.58 29.87 11.63
CA VAL A 658 5.36 28.44 11.90
C VAL A 658 4.67 28.15 13.23
N ARG A 659 5.12 28.81 14.29
CA ARG A 659 4.54 28.55 15.59
C ARG A 659 3.09 29.06 15.67
N ALA A 660 2.86 30.24 15.12
CA ALA A 660 1.53 30.85 15.10
C ALA A 660 0.50 29.95 14.41
N SER A 661 0.89 29.41 13.25
CA SER A 661 0.05 28.50 12.50
C SER A 661 -0.27 27.23 13.29
N LEU A 662 0.77 26.63 13.88
CA LEU A 662 0.60 25.43 14.72
C LEU A 662 -0.36 25.65 15.88
N GLU A 663 -0.32 26.85 16.46
CA GLU A 663 -1.22 27.22 17.55
C GLU A 663 -2.64 27.42 17.06
N ARG A 664 -2.77 27.87 15.81
CA ARG A 664 -4.10 28.08 15.26
C ARG A 664 -4.73 26.75 14.89
N MET A 665 -3.95 25.86 14.30
CA MET A 665 -4.51 24.61 13.81
C MET A 665 -4.76 23.58 14.89
N ALA A 666 -3.98 23.65 15.98
CA ALA A 666 -4.12 22.69 17.08
C ALA A 666 -5.55 22.55 17.69
N PRO A 667 -6.22 23.67 18.01
CA PRO A 667 -7.60 23.52 18.52
C PRO A 667 -8.57 23.01 17.46
N LEU A 668 -8.23 23.26 16.21
CA LEU A 668 -9.07 22.83 15.11
C LEU A 668 -9.00 21.30 15.02
N VAL A 669 -7.78 20.76 15.08
CA VAL A 669 -7.60 19.32 15.19
C VAL A 669 -8.34 18.79 16.40
N ASP A 670 -8.18 19.44 17.54
CA ASP A 670 -8.88 19.04 18.77
C ASP A 670 -10.37 18.85 18.52
N ARG A 671 -11.00 19.84 17.87
CA ARG A 671 -12.43 19.78 17.57
C ARG A 671 -12.79 18.66 16.60
N GLN A 672 -11.91 18.37 15.66
CA GLN A 672 -12.13 17.28 14.71
C GLN A 672 -12.01 15.90 15.35
N ASN A 673 -11.55 15.87 16.59
CA ASN A 673 -11.49 14.62 17.33
C ASN A 673 -12.48 14.56 18.48
N ALA A 674 -13.40 15.53 18.54
CA ALA A 674 -14.38 15.61 19.62
C ALA A 674 -15.21 14.33 19.71
N GLY A 675 -15.35 13.65 18.57
CA GLY A 675 -16.02 12.36 18.55
C GLY A 675 -15.07 11.21 18.87
N ASP A 676 -14.29 11.34 19.95
CA ASP A 676 -13.35 10.29 20.35
C ASP A 676 -13.31 10.09 21.86
N VAL A 677 -13.84 8.94 22.28
CA VAL A 677 -14.13 8.62 23.68
C VAL A 677 -12.97 8.90 24.66
N ALA A 678 -11.75 9.01 24.16
CA ALA A 678 -10.60 9.20 25.03
C ALA A 678 -9.51 10.02 24.38
N TYR A 679 -9.90 11.06 23.66
CA TYR A 679 -8.94 11.97 23.06
C TYR A 679 -8.47 12.96 24.12
N ARG A 680 -7.30 13.55 23.91
CA ARG A 680 -6.77 14.56 24.81
C ARG A 680 -6.38 15.85 24.08
N PRO A 681 -6.99 16.97 24.49
CA PRO A 681 -6.74 18.25 23.83
C PRO A 681 -5.27 18.62 23.79
N MET A 682 -4.87 19.31 22.71
CA MET A 682 -3.52 19.85 22.59
C MET A 682 -3.53 21.30 23.05
N ALA A 683 -4.65 21.98 22.78
CA ALA A 683 -4.85 23.35 23.19
C ALA A 683 -5.54 23.35 24.55
N PRO A 684 -5.28 24.39 25.36
CA PRO A 684 -4.38 25.53 25.09
C PRO A 684 -2.98 25.33 25.62
N ASN A 685 -2.76 24.24 26.33
CA ASN A 685 -1.46 23.97 26.96
C ASN A 685 -0.48 23.27 26.03
N PHE A 686 0.00 24.03 25.04
CA PHE A 686 0.76 23.47 23.91
C PHE A 686 2.05 22.77 24.28
N ASP A 687 2.85 23.38 25.15
CA ASP A 687 4.15 22.84 25.50
C ASP A 687 4.09 21.62 26.42
N ASP A 688 2.90 21.37 26.99
CA ASP A 688 2.70 20.16 27.81
C ASP A 688 2.10 19.05 26.96
N SER A 689 1.86 19.34 25.69
CA SER A 689 1.40 18.33 24.75
C SER A 689 2.59 17.71 24.01
N ILE A 690 2.84 16.42 24.25
CA ILE A 690 3.94 15.73 23.60
C ILE A 690 3.68 15.63 22.09
N ALA A 691 2.40 15.50 21.74
CA ALA A 691 1.97 15.47 20.35
C ALA A 691 2.28 16.81 19.69
N PHE A 692 1.96 17.91 20.36
CA PHE A 692 2.23 19.24 19.81
C PHE A 692 3.73 19.48 19.63
N LEU A 693 4.50 19.06 20.62
CA LEU A 693 5.95 19.22 20.61
C LEU A 693 6.62 18.40 19.52
N ALA A 694 6.07 17.22 19.25
CA ALA A 694 6.54 16.36 18.18
C ALA A 694 6.31 17.02 16.80
N ALA A 695 5.11 17.54 16.59
CA ALA A 695 4.78 18.27 15.37
C ALA A 695 5.72 19.45 15.18
N GLN A 696 6.00 20.16 16.28
CA GLN A 696 6.87 21.31 16.22
C GLN A 696 8.30 20.89 15.90
N GLU A 697 8.73 19.77 16.50
CA GLU A 697 10.10 19.31 16.34
C GLU A 697 10.32 18.80 14.91
N LEU A 698 9.37 18.01 14.42
CA LEU A 698 9.40 17.53 13.03
C LEU A 698 9.68 18.66 12.04
N ILE A 699 9.14 19.84 12.32
CA ILE A 699 9.28 20.99 11.42
C ILE A 699 10.59 21.78 11.62
N LEU A 700 10.85 22.20 12.84
CA LEU A 700 12.07 22.95 13.14
C LEU A 700 13.36 22.13 12.97
N SER A 701 13.29 20.83 13.26
CA SER A 701 14.44 19.94 13.08
C SER A 701 14.43 19.26 11.73
N GLY A 702 13.40 19.55 10.94
CA GLY A 702 13.15 18.87 9.68
C GLY A 702 14.29 18.81 8.68
N ALA A 703 14.95 19.94 8.45
CA ALA A 703 16.06 19.97 7.50
C ALA A 703 17.24 19.09 7.93
N GLN A 704 17.34 18.76 9.22
CA GLN A 704 18.48 17.99 9.72
C GLN A 704 18.20 16.51 9.78
N GLN A 705 16.97 16.11 9.49
CA GLN A 705 16.62 14.69 9.52
C GLN A 705 17.16 13.97 8.28
N PRO A 706 17.68 12.75 8.46
CA PRO A 706 18.25 12.04 7.31
C PRO A 706 17.17 11.79 6.24
N ASN A 707 17.45 12.28 5.04
CA ASN A 707 16.51 12.21 3.92
C ASN A 707 15.10 12.65 4.29
N GLY A 708 14.99 13.46 5.34
CA GLY A 708 13.71 13.93 5.82
C GLY A 708 12.89 12.89 6.57
N TYR A 709 13.48 11.76 6.92
CA TYR A 709 12.72 10.73 7.61
C TYR A 709 12.17 11.18 8.98
N THR A 710 10.93 10.83 9.28
CA THR A 710 10.26 11.35 10.46
C THR A 710 10.34 10.40 11.65
N GLU A 711 10.59 9.11 11.40
CA GLU A 711 10.57 8.07 12.44
C GLU A 711 11.45 8.34 13.66
N PRO A 712 12.70 8.80 13.45
CA PRO A 712 13.53 9.15 14.62
C PRO A 712 12.78 10.06 15.57
N ILE A 713 12.20 11.13 15.06
CA ILE A 713 11.51 12.03 15.97
C ILE A 713 10.23 11.39 16.49
N LEU A 714 9.47 10.80 15.58
CA LEU A 714 8.20 10.16 15.94
C LEU A 714 8.34 9.05 16.97
N HIS A 715 9.24 8.10 16.72
CA HIS A 715 9.41 6.97 17.64
C HIS A 715 9.77 7.44 19.02
N ARG A 716 10.73 8.35 19.09
CA ARG A 716 11.14 8.87 20.38
C ARG A 716 9.97 9.51 21.14
N ARG A 717 9.19 10.33 20.47
CA ARG A 717 8.08 11.04 21.13
C ARG A 717 6.99 10.09 21.56
N ARG A 718 6.72 9.08 20.74
CA ARG A 718 5.79 8.04 21.15
C ARG A 718 6.33 7.31 22.39
N ARG A 719 7.61 6.97 22.39
CA ARG A 719 8.16 6.25 23.52
C ARG A 719 8.10 7.13 24.76
N GLU A 720 8.31 8.43 24.58
CA GLU A 720 8.15 9.39 25.66
C GLU A 720 6.74 9.42 26.25
N PHE A 721 5.74 9.49 25.37
CA PHE A 721 4.35 9.51 25.82
C PHE A 721 4.01 8.25 26.62
N LYS A 722 4.48 7.11 26.15
CA LYS A 722 4.17 5.84 26.81
C LYS A 722 4.81 5.78 28.20
N ALA A 723 5.98 6.38 28.34
CA ALA A 723 6.70 6.36 29.63
C ALA A 723 6.03 7.31 30.61
N ARG A 724 5.55 8.44 30.08
CA ARG A 724 4.77 9.39 30.84
C ARG A 724 3.45 8.75 31.32
N ALA A 725 2.89 7.89 30.46
CA ALA A 725 1.62 7.25 30.76
C ALA A 725 1.81 6.08 31.71
N ALA A 726 3.03 5.55 31.76
CA ALA A 726 3.34 4.42 32.63
C ALA A 726 3.52 4.86 34.08
N GLU A 727 2.56 5.62 34.59
CA GLU A 727 2.63 6.20 35.93
C GLU A 727 1.26 6.25 36.59
MG MG B . 6.01 5.31 1.63
MG MG C . -11.79 -6.66 -23.33
C10 4ZA D . -2.58 4.21 3.68
O01 4ZA D . -1.34 7.38 1.25
C02 4ZA D . -0.77 6.26 1.20
O03 4ZA D . 0.14 5.91 0.44
C04 4ZA D . -1.27 5.19 2.18
C05 4ZA D . -0.71 3.95 2.49
C06 4ZA D . -1.53 3.32 3.44
C07 4ZA D . -1.65 2.14 4.21
C08 4ZA D . -2.75 2.16 4.98
S09 4ZA D . -3.67 3.64 4.79
N11 4ZA D . -2.43 5.32 2.92
#